data_9UDB
#
_entry.id   9UDB
#
_cell.length_a   67.263
_cell.length_b   52.560
_cell.length_c   145.128
_cell.angle_alpha   90.00
_cell.angle_beta   92.76
_cell.angle_gamma   90.00
#
_symmetry.space_group_name_H-M   'P 1 21 1'
#
loop_
_entity.id
_entity.type
_entity.pdbx_description
1 polymer MonCI
2 non-polymer 'FLAVIN-ADENINE DINUCLEOTIDE'
3 non-polymer '(2E,6E)-3,7,11-trimethyldodeca-2,6,10-trien-1-yl acetate'
4 non-polymer 'CHLORIDE ION'
5 water water
#
_entity_poly.entity_id   1
_entity_poly.type   'polypeptide(L)'
_entity_poly.pdbx_seq_one_letter_code
;MNHKVHHHHHHIEGRMTTTRPAHAVVLGASMAGTLAAHVLARHVDAVTVVERDALPEEPQHRKGVPQARHAHLLWSNGAR
LIEEMLPGTTDRLLAAGARRLGFPEDLVTLTGQGWQHRFPATQFALVASRPLLDLTVRQQALGADNITVRQRTEAVELTG
SGGGSGGRVTGVVVRDLDSGRQEQLEADLVIDATGRGSRLKQWLAALGVPALEEDVVDAGVAYATRLFKAPPGATTHFPA
VNIAADDRVREPGRFGVVYPIEGGRWLATLSCTRGAQLPTHEDEFIPFAENLNHPILADLLRDAEPLTPVFGSRSGANRR
LYPERLEQWPDGLLVIGDSLTAFNPIYGHGMSSAARCATTIDREFERSVQEGTGSARAGTRALQKAIGAAVDDPWILAAT
KDIDYVNCRVSATDPRLIGVDTEQRLRFAEAITAASIRSPKASEIVTDVMSLNAPQAELGSNRFLMAMRADERLPELTAP
PFLPEELAVVGLDAATISPTPTPTPTAAVRS
;
_entity_poly.pdbx_strand_id   A,B
#
# COMPACT_ATOMS: atom_id res chain seq x y z
N THR A 19 19.67 -1.68 -17.96
CA THR A 19 20.35 -2.64 -17.10
C THR A 19 20.08 -2.33 -15.62
N ARG A 20 20.02 -3.39 -14.81
CA ARG A 20 19.69 -3.30 -13.39
C ARG A 20 20.91 -2.89 -12.57
N PRO A 21 20.69 -2.24 -11.42
CA PRO A 21 21.81 -1.91 -10.53
C PRO A 21 22.43 -3.18 -9.93
N ALA A 22 23.76 -3.18 -9.84
CA ALA A 22 24.51 -4.31 -9.29
C ALA A 22 25.20 -4.02 -7.97
N HIS A 23 25.41 -2.75 -7.62
CA HIS A 23 26.07 -2.39 -6.37
C HIS A 23 25.39 -1.17 -5.77
N ALA A 24 24.94 -1.29 -4.52
CA ALA A 24 24.32 -0.20 -3.79
C ALA A 24 25.15 0.11 -2.55
N VAL A 25 25.26 1.39 -2.22
CA VAL A 25 26.00 1.84 -1.05
C VAL A 25 25.04 2.58 -0.15
N VAL A 26 24.95 2.15 1.10
CA VAL A 26 24.08 2.75 2.10
C VAL A 26 24.96 3.50 3.08
N LEU A 27 24.71 4.81 3.20
CA LEU A 27 25.47 5.67 4.09
C LEU A 27 24.73 5.77 5.42
N GLY A 28 25.33 5.22 6.47
CA GLY A 28 24.77 5.19 7.81
C GLY A 28 24.22 3.82 8.16
N ALA A 29 24.55 3.32 9.36
CA ALA A 29 24.14 2.00 9.82
C ALA A 29 23.15 2.03 10.99
N SER A 30 22.42 3.13 11.19
CA SER A 30 21.39 3.18 12.21
C SER A 30 20.14 2.48 11.69
N MET A 31 18.96 2.86 12.17
CA MET A 31 17.75 2.10 11.87
C MET A 31 17.37 2.25 10.40
N ALA A 32 17.49 3.46 9.85
CA ALA A 32 17.14 3.69 8.45
C ALA A 32 18.10 2.96 7.52
N GLY A 33 19.41 3.06 7.78
CA GLY A 33 20.37 2.43 6.89
C GLY A 33 20.37 0.93 6.99
N THR A 34 20.22 0.39 8.21
CA THR A 34 20.22 -1.07 8.39
C THR A 34 19.03 -1.72 7.71
N LEU A 35 17.85 -1.12 7.83
CA LEU A 35 16.69 -1.70 7.17
C LEU A 35 16.80 -1.58 5.66
N ALA A 36 17.30 -0.45 5.17
CA ALA A 36 17.48 -0.30 3.73
C ALA A 36 18.53 -1.25 3.20
N ALA A 37 19.59 -1.49 3.97
CA ALA A 37 20.62 -2.44 3.54
C ALA A 37 20.04 -3.84 3.42
N HIS A 38 19.24 -4.26 4.40
CA HIS A 38 18.64 -5.59 4.33
C HIS A 38 17.72 -5.74 3.12
N VAL A 39 16.95 -4.70 2.83
CA VAL A 39 16.03 -4.74 1.69
C VAL A 39 16.80 -4.77 0.38
N LEU A 40 17.76 -3.85 0.22
CA LEU A 40 18.47 -3.74 -1.05
C LEU A 40 19.28 -4.99 -1.35
N ALA A 41 19.70 -5.73 -0.32
CA ALA A 41 20.44 -6.98 -0.56
C ALA A 41 19.58 -8.03 -1.23
N ARG A 42 18.25 -7.96 -1.08
CA ARG A 42 17.36 -8.88 -1.76
C ARG A 42 17.24 -8.58 -3.25
N HIS A 43 17.55 -7.35 -3.67
CA HIS A 43 17.34 -6.90 -5.03
C HIS A 43 18.62 -6.56 -5.78
N VAL A 44 19.74 -6.40 -5.08
CA VAL A 44 20.99 -5.97 -5.69
C VAL A 44 22.08 -6.98 -5.36
N ASP A 45 22.98 -7.20 -6.32
CA ASP A 45 24.00 -8.24 -6.18
C ASP A 45 24.87 -8.01 -4.96
N ALA A 46 25.27 -6.77 -4.71
CA ALA A 46 26.15 -6.46 -3.60
C ALA A 46 25.75 -5.14 -2.96
N VAL A 47 25.81 -5.11 -1.63
CA VAL A 47 25.50 -3.91 -0.85
C VAL A 47 26.69 -3.62 0.06
N THR A 48 27.08 -2.35 0.10
CA THR A 48 28.12 -1.87 1.02
C THR A 48 27.48 -0.87 1.97
N VAL A 49 27.70 -1.05 3.27
CA VAL A 49 27.22 -0.15 4.31
C VAL A 49 28.40 0.62 4.88
N VAL A 50 28.32 1.94 4.84
CA VAL A 50 29.39 2.83 5.29
C VAL A 50 28.93 3.52 6.57
N GLU A 51 29.59 3.23 7.69
CA GLU A 51 29.19 3.76 8.99
C GLU A 51 30.38 4.42 9.68
N ARG A 52 30.16 5.62 10.20
CA ARG A 52 31.23 6.39 10.82
C ARG A 52 31.69 5.77 12.12
N ASP A 53 30.77 5.17 12.88
CA ASP A 53 31.07 4.62 14.19
C ASP A 53 31.54 3.18 14.08
N ALA A 54 32.13 2.70 15.18
CA ALA A 54 32.30 1.28 15.38
C ALA A 54 31.01 0.72 15.94
N LEU A 55 30.48 -0.33 15.32
CA LEU A 55 29.20 -0.88 15.74
C LEU A 55 29.43 -1.88 16.87
N PRO A 56 28.90 -1.64 18.07
CA PRO A 56 29.16 -2.57 19.18
C PRO A 56 28.38 -3.87 19.04
N GLU A 57 28.94 -4.93 19.61
CA GLU A 57 28.33 -6.24 19.61
C GLU A 57 27.46 -6.49 20.85
N GLU A 58 27.32 -5.52 21.74
CA GLU A 58 26.41 -5.61 22.86
C GLU A 58 25.68 -4.29 23.01
N PRO A 59 24.51 -4.29 23.69
CA PRO A 59 23.72 -3.06 23.77
C PRO A 59 24.49 -1.93 24.42
N GLN A 60 24.92 -0.97 23.62
CA GLN A 60 25.84 0.05 24.08
C GLN A 60 25.61 1.32 23.27
N HIS A 61 25.61 2.46 23.95
CA HIS A 61 25.43 3.72 23.27
C HIS A 61 26.65 4.07 22.42
N ARG A 62 26.45 4.95 21.44
CA ARG A 62 27.54 5.40 20.59
C ARG A 62 27.24 6.80 20.11
N LYS A 63 28.31 7.55 19.82
CA LYS A 63 28.19 8.97 19.52
C LYS A 63 27.44 9.27 18.24
N GLY A 64 27.37 8.33 17.30
CA GLY A 64 26.64 8.54 16.06
C GLY A 64 25.14 8.57 16.23
N VAL A 65 24.63 8.00 17.31
CA VAL A 65 23.20 8.04 17.62
C VAL A 65 23.04 8.60 19.02
N PRO A 66 23.27 9.91 19.24
CA PRO A 66 23.16 10.44 20.60
C PRO A 66 21.74 10.47 21.13
N GLN A 67 20.74 10.39 20.25
CA GLN A 67 19.36 10.39 20.70
C GLN A 67 18.98 9.12 21.45
N ALA A 68 19.80 8.07 21.37
CA ALA A 68 19.52 6.82 22.05
C ALA A 68 19.47 6.97 23.56
N ARG A 69 19.97 8.09 24.11
CA ARG A 69 19.90 8.32 25.55
C ARG A 69 18.49 8.61 26.04
N HIS A 70 17.54 8.85 25.15
CA HIS A 70 16.21 9.30 25.54
C HIS A 70 15.18 8.22 25.25
N ALA A 71 14.00 8.39 25.86
CA ALA A 71 12.95 7.39 25.74
C ALA A 71 12.57 7.17 24.28
N HIS A 72 12.39 5.91 23.90
CA HIS A 72 12.07 5.53 22.53
C HIS A 72 10.92 4.53 22.53
N LEU A 73 9.85 4.86 21.82
CA LEU A 73 8.75 3.95 21.55
C LEU A 73 8.79 3.52 20.09
N LEU A 74 8.70 2.22 19.85
CA LEU A 74 8.54 1.67 18.50
C LEU A 74 7.05 1.37 18.32
N TRP A 75 6.33 2.30 17.69
CA TRP A 75 4.89 2.13 17.50
C TRP A 75 4.61 0.89 16.65
N SER A 76 3.36 0.43 16.73
CA SER A 76 2.97 -0.80 16.05
C SER A 76 3.19 -0.71 14.54
N ASN A 77 3.09 0.49 13.96
CA ASN A 77 3.32 0.63 12.54
C ASN A 77 4.74 0.19 12.16
N GLY A 78 5.74 0.75 12.83
CA GLY A 78 7.11 0.35 12.56
C GLY A 78 7.42 -1.06 13.04
N ALA A 79 6.83 -1.47 14.16
CA ALA A 79 7.09 -2.79 14.71
C ALA A 79 6.59 -3.88 13.77
N ARG A 80 5.40 -3.69 13.18
CA ARG A 80 4.87 -4.66 12.24
C ARG A 80 5.66 -4.66 10.93
N LEU A 81 6.06 -3.47 10.46
CA LEU A 81 6.86 -3.39 9.24
C LEU A 81 8.21 -4.06 9.42
N ILE A 82 8.83 -3.88 10.59
CA ILE A 82 10.09 -4.53 10.86
C ILE A 82 9.88 -6.04 11.03
N GLU A 83 8.76 -6.42 11.64
CA GLU A 83 8.49 -7.85 11.83
C GLU A 83 8.31 -8.57 10.50
N GLU A 84 7.62 -7.94 9.56
CA GLU A 84 7.41 -8.56 8.25
C GLU A 84 8.70 -8.59 7.43
N MET A 85 9.59 -7.62 7.64
CA MET A 85 10.88 -7.65 6.97
C MET A 85 11.82 -8.66 7.63
N LEU A 86 11.83 -8.70 8.96
CA LEU A 86 12.74 -9.55 9.73
C LEU A 86 11.91 -10.36 10.72
N PRO A 87 11.35 -11.49 10.29
CA PRO A 87 10.52 -12.31 11.20
C PRO A 87 11.32 -12.74 12.42
N GLY A 88 10.65 -12.81 13.57
CA GLY A 88 11.28 -13.16 14.82
C GLY A 88 11.87 -12.00 15.59
N THR A 89 11.93 -10.81 15.00
CA THR A 89 12.54 -9.66 15.68
C THR A 89 11.78 -9.32 16.95
N THR A 90 10.44 -9.31 16.88
CA THR A 90 9.65 -8.95 18.06
C THR A 90 9.92 -9.92 19.21
N ASP A 91 9.93 -11.22 18.92
CA ASP A 91 10.16 -12.19 19.98
C ASP A 91 11.57 -12.08 20.54
N ARG A 92 12.56 -11.77 19.70
CA ARG A 92 13.91 -11.59 20.21
C ARG A 92 13.98 -10.38 21.14
N LEU A 93 13.27 -9.30 20.79
CA LEU A 93 13.24 -8.13 21.64
C LEU A 93 12.63 -8.44 23.00
N LEU A 94 11.48 -9.13 22.99
CA LEU A 94 10.80 -9.45 24.25
C LEU A 94 11.63 -10.40 25.11
N ALA A 95 12.28 -11.37 24.48
CA ALA A 95 13.14 -12.29 25.23
C ALA A 95 14.31 -11.55 25.87
N ALA A 96 14.74 -10.44 25.27
CA ALA A 96 15.83 -9.64 25.80
C ALA A 96 15.36 -8.62 26.83
N GLY A 97 14.06 -8.53 27.11
CA GLY A 97 13.56 -7.64 28.15
C GLY A 97 12.67 -6.52 27.66
N ALA A 98 12.44 -6.36 26.36
CA ALA A 98 11.54 -5.33 25.89
C ALA A 98 10.12 -5.61 26.36
N ARG A 99 9.29 -4.57 26.37
CA ARG A 99 7.91 -4.70 26.81
C ARG A 99 6.97 -4.20 25.72
N ARG A 100 5.87 -4.94 25.53
CA ARG A 100 4.83 -4.56 24.59
C ARG A 100 3.78 -3.76 25.35
N LEU A 101 3.82 -2.44 25.21
CA LEU A 101 2.86 -1.57 25.87
C LEU A 101 1.59 -1.47 25.05
N GLY A 102 0.46 -1.82 25.64
CA GLY A 102 -0.83 -1.68 24.96
C GLY A 102 -1.39 -0.27 25.18
N PHE A 103 -1.90 0.31 24.10
CA PHE A 103 -2.46 1.65 24.14
C PHE A 103 -3.96 1.62 23.95
N PRO A 104 -4.74 2.31 24.81
CA PRO A 104 -4.23 3.11 25.92
C PRO A 104 -4.16 2.33 27.25
N GLU A 105 -4.30 1.00 27.15
CA GLU A 105 -4.53 0.17 28.33
C GLU A 105 -3.37 0.23 29.33
N ASP A 106 -2.13 0.15 28.85
CA ASP A 106 -0.98 0.02 29.72
C ASP A 106 -0.31 1.36 30.06
N LEU A 107 -1.05 2.45 29.98
CA LEU A 107 -0.48 3.77 30.26
C LEU A 107 -1.44 4.61 31.08
N VAL A 108 -0.90 5.30 32.07
CA VAL A 108 -1.60 6.34 32.80
C VAL A 108 -1.20 7.66 32.14
N THR A 109 -2.14 8.26 31.42
CA THR A 109 -1.86 9.39 30.56
C THR A 109 -2.75 10.56 30.95
N LEU A 110 -2.12 11.72 31.18
CA LEU A 110 -2.83 12.97 31.42
C LEU A 110 -2.69 13.85 30.18
N THR A 111 -3.83 14.21 29.59
CA THR A 111 -3.90 15.11 28.45
C THR A 111 -4.37 16.49 28.95
N GLY A 112 -4.39 17.45 28.02
CA GLY A 112 -4.97 18.75 28.34
C GLY A 112 -6.45 18.71 28.63
N GLN A 113 -7.13 17.60 28.30
CA GLN A 113 -8.55 17.45 28.57
C GLN A 113 -8.83 16.55 29.75
N GLY A 114 -7.82 15.93 30.35
CA GLY A 114 -7.99 15.08 31.51
C GLY A 114 -7.31 13.75 31.34
N TRP A 115 -7.56 12.86 32.30
CA TRP A 115 -6.93 11.55 32.27
C TRP A 115 -7.56 10.66 31.21
N GLN A 116 -6.73 9.84 30.58
CA GLN A 116 -7.18 8.90 29.57
C GLN A 116 -7.74 7.65 30.24
N HIS A 117 -9.00 7.31 29.93
CA HIS A 117 -9.55 6.03 30.37
C HIS A 117 -8.76 4.89 29.74
N ARG A 118 -8.38 3.90 30.56
CA ARG A 118 -7.51 2.83 30.10
C ARG A 118 -8.35 1.74 29.41
N PHE A 119 -8.91 2.11 28.25
CA PHE A 119 -9.69 1.18 27.46
C PHE A 119 -8.83 -0.01 27.03
N PRO A 120 -9.46 -1.15 26.76
CA PRO A 120 -8.71 -2.31 26.24
C PRO A 120 -7.88 -1.91 25.02
N ALA A 121 -6.66 -2.44 24.96
CA ALA A 121 -5.68 -1.98 23.98
C ALA A 121 -6.17 -2.22 22.56
N THR A 122 -6.10 -1.17 21.75
CA THR A 122 -6.36 -1.26 20.31
C THR A 122 -5.10 -1.12 19.47
N GLN A 123 -4.01 -0.60 20.04
CA GLN A 123 -2.71 -0.55 19.39
C GLN A 123 -1.65 -0.90 20.43
N PHE A 124 -0.39 -0.92 20.00
CA PHE A 124 0.70 -1.24 20.91
C PHE A 124 1.96 -0.52 20.48
N ALA A 125 2.97 -0.57 21.34
CA ALA A 125 4.31 -0.10 21.02
C ALA A 125 5.30 -0.92 21.80
N LEU A 126 6.41 -1.28 21.16
CA LEU A 126 7.51 -1.96 21.82
C LEU A 126 8.43 -0.93 22.46
N VAL A 127 8.78 -1.14 23.72
CA VAL A 127 9.64 -0.21 24.45
C VAL A 127 10.85 -0.97 24.97
N ALA A 128 12.02 -0.36 24.80
CA ALA A 128 13.27 -0.94 25.26
C ALA A 128 14.33 0.14 25.12
N SER A 129 15.53 -0.15 25.61
CA SER A 129 16.63 0.75 25.34
C SER A 129 16.87 0.78 23.84
N ARG A 130 17.08 1.97 23.31
CA ARG A 130 17.38 2.10 21.89
C ARG A 130 18.61 1.32 21.47
N PRO A 131 19.70 1.26 22.25
CA PRO A 131 20.83 0.40 21.83
C PRO A 131 20.46 -1.08 21.71
N LEU A 132 19.59 -1.60 22.58
CA LEU A 132 19.17 -2.98 22.43
C LEU A 132 18.35 -3.17 21.16
N LEU A 133 17.48 -2.21 20.86
CA LEU A 133 16.65 -2.34 19.67
C LEU A 133 17.48 -2.22 18.40
N ASP A 134 18.48 -1.34 18.40
CA ASP A 134 19.38 -1.20 17.26
C ASP A 134 20.20 -2.47 17.05
N LEU A 135 20.75 -3.01 18.15
CA LEU A 135 21.58 -4.21 18.02
C LEU A 135 20.75 -5.41 17.56
N THR A 136 19.53 -5.54 18.09
CA THR A 136 18.68 -6.66 17.69
C THR A 136 18.33 -6.60 16.22
N VAL A 137 18.06 -5.39 15.71
CA VAL A 137 17.75 -5.24 14.28
C VAL A 137 18.98 -5.52 13.43
N ARG A 138 20.14 -4.99 13.85
CA ARG A 138 21.38 -5.24 13.12
C ARG A 138 21.69 -6.73 13.05
N GLN A 139 21.49 -7.45 14.16
CA GLN A 139 21.75 -8.87 14.19
C GLN A 139 20.86 -9.64 13.22
N GLN A 140 19.66 -9.12 12.92
CA GLN A 140 18.73 -9.81 12.05
C GLN A 140 18.80 -9.32 10.61
N ALA A 141 19.56 -8.27 10.32
CA ALA A 141 19.58 -7.69 8.98
C ALA A 141 20.94 -7.77 8.29
N LEU A 142 22.04 -7.60 9.02
CA LEU A 142 23.34 -7.44 8.41
C LEU A 142 24.12 -8.74 8.29
N GLY A 143 23.49 -9.88 8.54
CA GLY A 143 24.17 -11.16 8.42
C GLY A 143 24.19 -11.75 7.03
N ALA A 144 23.62 -11.07 6.05
CA ALA A 144 23.56 -11.61 4.70
C ALA A 144 24.94 -11.60 4.06
N ASP A 145 25.17 -12.59 3.19
CA ASP A 145 26.49 -12.77 2.58
C ASP A 145 26.83 -11.65 1.62
N ASN A 146 25.84 -10.99 1.03
CA ASN A 146 26.08 -9.94 0.05
C ASN A 146 25.99 -8.54 0.66
N ILE A 147 26.10 -8.44 1.98
CA ILE A 147 26.20 -7.15 2.66
C ILE A 147 27.59 -7.03 3.28
N THR A 148 28.29 -5.96 2.95
CA THR A 148 29.61 -5.68 3.51
C THR A 148 29.52 -4.41 4.33
N VAL A 149 29.88 -4.47 5.61
CA VAL A 149 29.80 -3.33 6.50
C VAL A 149 31.20 -2.77 6.72
N ARG A 150 31.38 -1.51 6.36
CA ARG A 150 32.64 -0.77 6.51
C ARG A 150 32.52 0.16 7.72
N GLN A 151 32.73 -0.39 8.92
CA GLN A 151 32.71 0.42 10.12
C GLN A 151 33.89 1.39 10.12
N ARG A 152 33.82 2.38 11.02
CA ARG A 152 34.83 3.42 11.17
C ARG A 152 35.23 3.98 9.80
N THR A 153 34.22 4.23 8.98
CA THR A 153 34.39 4.77 7.64
C THR A 153 33.38 5.89 7.46
N GLU A 154 33.84 7.04 6.97
CA GLU A 154 33.03 8.23 6.86
C GLU A 154 32.82 8.59 5.40
N ALA A 155 31.57 8.87 5.04
CA ALA A 155 31.27 9.41 3.72
C ALA A 155 31.64 10.89 3.68
N VAL A 156 32.39 11.28 2.66
CA VAL A 156 32.93 12.63 2.57
C VAL A 156 32.21 13.46 1.50
N GLU A 157 31.92 12.86 0.35
CA GLU A 157 31.22 13.53 -0.73
C GLU A 157 30.73 12.49 -1.71
N LEU A 158 29.79 12.91 -2.55
CA LEU A 158 29.29 12.06 -3.63
C LEU A 158 30.05 12.38 -4.90
N THR A 159 30.14 11.39 -5.78
CA THR A 159 30.80 11.56 -7.06
C THR A 159 29.78 11.41 -8.18
N GLY A 160 30.00 12.13 -9.27
CA GLY A 160 29.15 12.04 -10.44
C GLY A 160 28.97 13.40 -11.10
N SER A 161 27.73 13.74 -11.42
CA SER A 161 27.42 15.01 -12.06
C SER A 161 26.03 15.44 -11.64
N GLY A 162 25.78 16.75 -11.68
CA GLY A 162 24.49 17.29 -11.31
C GLY A 162 24.20 18.57 -12.07
N GLY A 163 22.98 19.05 -11.90
CA GLY A 163 22.53 20.25 -12.60
C GLY A 163 22.12 19.92 -14.03
N GLY A 164 21.51 20.89 -14.67
CA GLY A 164 21.06 20.72 -16.05
C GLY A 164 20.07 19.56 -16.14
N SER A 165 20.43 18.55 -16.91
CA SER A 165 19.58 17.37 -17.07
C SER A 165 20.45 16.21 -17.53
N GLY A 166 20.17 15.02 -16.99
CA GLY A 166 21.03 13.89 -17.18
C GLY A 166 21.99 13.63 -16.05
N GLY A 167 21.84 14.34 -14.93
CA GLY A 167 22.80 14.20 -13.85
C GLY A 167 22.54 12.92 -13.07
N ARG A 168 23.58 12.46 -12.39
CA ARG A 168 23.52 11.14 -11.77
C ARG A 168 24.69 10.97 -10.83
N VAL A 169 24.46 10.24 -9.75
CA VAL A 169 25.50 10.00 -8.75
C VAL A 169 26.13 8.66 -9.07
N THR A 170 27.47 8.66 -9.14
CA THR A 170 28.23 7.49 -9.57
C THR A 170 28.87 6.75 -8.40
N GLY A 171 28.97 7.39 -7.25
CA GLY A 171 29.63 6.77 -6.11
C GLY A 171 29.80 7.79 -5.01
N VAL A 172 30.68 7.46 -4.08
CA VAL A 172 30.88 8.27 -2.88
C VAL A 172 32.34 8.17 -2.48
N VAL A 173 32.89 9.29 -2.05
CA VAL A 173 34.23 9.31 -1.49
C VAL A 173 34.12 9.00 0.00
N VAL A 174 34.86 7.99 0.45
CA VAL A 174 34.82 7.58 1.84
C VAL A 174 36.20 7.77 2.44
N ARG A 175 36.22 8.07 3.74
CA ARG A 175 37.46 8.21 4.49
C ARG A 175 37.50 7.17 5.59
N ASP A 176 38.57 6.39 5.62
CA ASP A 176 38.81 5.46 6.73
C ASP A 176 39.36 6.23 7.92
N LEU A 177 38.74 6.05 9.08
CA LEU A 177 39.03 6.92 10.21
C LEU A 177 40.22 6.44 11.05
N ASP A 178 40.61 5.17 10.93
CA ASP A 178 41.77 4.66 11.65
C ASP A 178 43.06 4.84 10.89
N SER A 179 43.00 4.97 9.56
CA SER A 179 44.16 5.24 8.73
C SER A 179 44.22 6.67 8.22
N GLY A 180 43.07 7.31 8.05
CA GLY A 180 43.01 8.62 7.46
C GLY A 180 43.00 8.63 5.95
N ARG A 181 43.01 7.47 5.32
CA ARG A 181 43.11 7.39 3.87
C ARG A 181 41.72 7.49 3.25
N GLN A 182 41.64 8.17 2.11
CA GLN A 182 40.41 8.31 1.37
C GLN A 182 40.42 7.35 0.18
N GLU A 183 39.22 7.05 -0.31
CA GLU A 183 39.03 6.06 -1.36
C GLU A 183 37.75 6.40 -2.10
N GLN A 184 37.74 6.07 -3.40
CA GLN A 184 36.56 6.26 -4.23
C GLN A 184 35.78 4.94 -4.25
N LEU A 185 34.52 5.01 -3.85
CA LEU A 185 33.67 3.83 -3.74
C LEU A 185 32.59 3.99 -4.80
N GLU A 186 32.76 3.30 -5.92
CA GLU A 186 31.80 3.42 -7.02
C GLU A 186 30.55 2.61 -6.72
N ALA A 187 29.44 3.07 -7.28
CA ALA A 187 28.15 2.47 -6.95
C ALA A 187 27.15 2.79 -8.04
N ASP A 188 26.22 1.85 -8.26
CA ASP A 188 25.08 2.11 -9.12
C ASP A 188 23.95 2.82 -8.40
N LEU A 189 24.00 2.86 -7.06
CA LEU A 189 22.92 3.43 -6.26
C LEU A 189 23.48 3.81 -4.90
N VAL A 190 23.23 5.05 -4.48
CA VAL A 190 23.70 5.54 -3.19
C VAL A 190 22.48 5.93 -2.36
N ILE A 191 22.44 5.46 -1.11
CA ILE A 191 21.33 5.73 -0.20
C ILE A 191 21.87 6.53 0.98
N ASP A 192 21.41 7.76 1.12
CA ASP A 192 21.77 8.58 2.27
C ASP A 192 20.82 8.25 3.41
N ALA A 193 21.38 7.67 4.47
CA ALA A 193 20.66 7.39 5.70
C ALA A 193 21.46 7.88 6.90
N THR A 194 22.17 9.01 6.72
CA THR A 194 23.04 9.55 7.76
C THR A 194 22.31 10.42 8.78
N GLY A 195 20.99 10.51 8.72
CA GLY A 195 20.25 11.09 9.82
C GLY A 195 20.09 12.59 9.74
N ARG A 196 19.73 13.15 10.90
CA ARG A 196 19.42 14.57 10.97
C ARG A 196 20.65 15.43 10.74
N GLY A 197 21.83 14.95 11.10
CA GLY A 197 23.05 15.70 10.90
C GLY A 197 23.68 15.44 9.54
N SER A 198 22.87 15.17 8.53
CA SER A 198 23.39 14.72 7.25
C SER A 198 23.94 15.89 6.45
N ARG A 199 24.95 15.59 5.62
CA ARG A 199 25.65 16.59 4.83
C ARG A 199 25.13 16.65 3.40
N LEU A 200 23.90 16.16 3.18
CA LEU A 200 23.38 15.97 1.83
C LEU A 200 23.34 17.29 1.07
N LYS A 201 22.99 18.39 1.75
CA LYS A 201 22.88 19.65 1.04
C LYS A 201 24.24 20.14 0.55
N GLN A 202 25.32 19.80 1.25
CA GLN A 202 26.65 20.13 0.77
C GLN A 202 27.07 19.22 -0.37
N TRP A 203 26.75 17.93 -0.27
CA TRP A 203 27.07 17.01 -1.35
C TRP A 203 26.36 17.38 -2.63
N LEU A 204 25.07 17.75 -2.53
CA LEU A 204 24.31 18.17 -3.69
C LEU A 204 24.90 19.43 -4.32
N ALA A 205 25.12 20.47 -3.50
CA ALA A 205 25.64 21.72 -4.05
C ALA A 205 27.01 21.53 -4.68
N ALA A 206 27.81 20.60 -4.16
CA ALA A 206 29.11 20.30 -4.75
C ALA A 206 28.98 19.59 -6.09
N LEU A 207 27.83 19.00 -6.37
CA LEU A 207 27.58 18.41 -7.67
C LEU A 207 26.79 19.35 -8.58
N GLY A 208 26.52 20.58 -8.15
CA GLY A 208 25.78 21.51 -8.96
C GLY A 208 24.28 21.32 -8.94
N VAL A 209 23.76 20.48 -8.04
CA VAL A 209 22.31 20.30 -7.93
C VAL A 209 21.72 21.49 -7.19
N PRO A 210 20.63 22.08 -7.71
CA PRO A 210 20.00 23.22 -7.02
C PRO A 210 19.47 22.83 -5.63
N ALA A 211 19.10 23.85 -4.88
CA ALA A 211 18.65 23.67 -3.51
C ALA A 211 17.30 22.98 -3.46
N LEU A 212 17.10 22.14 -2.45
CA LEU A 212 15.87 21.40 -2.29
C LEU A 212 14.80 22.25 -1.61
N GLU A 213 13.53 21.94 -1.91
CA GLU A 213 12.44 22.53 -1.15
C GLU A 213 12.39 21.91 0.24
N GLU A 214 12.06 22.75 1.23
CA GLU A 214 12.06 22.28 2.61
C GLU A 214 10.95 22.96 3.40
N ASP A 215 10.15 22.16 4.09
CA ASP A 215 9.17 22.64 5.07
C ASP A 215 9.72 22.44 6.46
N VAL A 216 9.50 23.43 7.32
CA VAL A 216 9.97 23.39 8.70
C VAL A 216 8.84 23.86 9.60
N VAL A 217 8.58 23.10 10.66
CA VAL A 217 7.73 23.53 11.76
C VAL A 217 8.52 23.26 13.04
N ASP A 218 9.02 24.32 13.67
CA ASP A 218 9.97 24.22 14.78
C ASP A 218 9.38 24.90 16.02
N ALA A 219 8.87 24.09 16.96
CA ALA A 219 8.39 24.58 18.25
C ALA A 219 9.49 24.72 19.29
N GLY A 220 10.75 24.55 18.91
CA GLY A 220 11.87 24.67 19.81
C GLY A 220 11.83 23.67 20.95
N VAL A 221 11.53 22.42 20.64
CA VAL A 221 11.38 21.41 21.69
C VAL A 221 12.74 20.88 22.10
N ALA A 222 12.96 20.77 23.41
CA ALA A 222 14.17 20.20 23.97
C ALA A 222 13.80 19.09 24.95
N TYR A 223 14.79 18.27 25.28
CA TYR A 223 14.55 17.09 26.10
C TYR A 223 15.64 16.91 27.13
N ALA A 224 15.24 16.50 28.33
CA ALA A 224 16.15 16.18 29.42
C ALA A 224 15.77 14.82 29.98
N THR A 225 16.74 13.92 30.08
CA THR A 225 16.50 12.53 30.41
C THR A 225 17.45 12.05 31.49
N ARG A 226 16.93 11.31 32.45
CA ARG A 226 17.72 10.53 33.38
C ARG A 226 17.27 9.08 33.34
N LEU A 227 18.17 8.19 33.70
CA LEU A 227 17.89 6.76 33.78
C LEU A 227 17.85 6.40 35.26
N PHE A 228 16.80 5.68 35.65
CA PHE A 228 16.56 5.33 37.04
C PHE A 228 16.45 3.82 37.19
N LYS A 229 16.78 3.35 38.39
CA LYS A 229 16.49 1.98 38.77
C LYS A 229 15.05 1.95 39.26
N ALA A 230 14.20 1.17 38.57
CA ALA A 230 12.79 1.17 38.93
C ALA A 230 12.56 0.34 40.18
N PRO A 231 11.49 0.64 40.94
CA PRO A 231 11.09 -0.25 42.01
C PRO A 231 10.96 -1.67 41.48
N PRO A 232 11.41 -2.66 42.23
CA PRO A 232 11.44 -4.03 41.69
C PRO A 232 10.07 -4.48 41.21
N GLY A 233 10.02 -4.96 39.97
CA GLY A 233 8.80 -5.42 39.37
C GLY A 233 8.00 -4.36 38.64
N ALA A 234 8.36 -3.08 38.76
CA ALA A 234 7.57 -2.03 38.14
C ALA A 234 7.63 -2.10 36.62
N THR A 235 8.79 -2.47 36.08
CA THR A 235 8.89 -2.55 34.62
C THR A 235 7.95 -3.59 34.02
N THR A 236 7.38 -4.47 34.83
CA THR A 236 6.49 -5.52 34.34
C THR A 236 5.05 -5.36 34.82
N HIS A 237 4.86 -4.85 36.05
CA HIS A 237 3.54 -4.81 36.67
C HIS A 237 3.09 -3.38 36.98
N PHE A 238 3.80 -2.38 36.45
CA PHE A 238 3.42 -0.99 36.61
C PHE A 238 3.35 -0.35 35.23
N PRO A 239 2.32 0.46 34.97
CA PRO A 239 2.18 1.03 33.63
C PRO A 239 3.21 2.12 33.37
N ALA A 240 3.36 2.43 32.07
CA ALA A 240 4.05 3.65 31.70
C ALA A 240 3.17 4.85 32.03
N VAL A 241 3.81 5.97 32.38
CA VAL A 241 3.10 7.19 32.79
C VAL A 241 3.54 8.34 31.89
N ASN A 242 2.56 9.06 31.34
CA ASN A 242 2.83 10.18 30.45
C ASN A 242 1.98 11.39 30.85
N ILE A 243 2.64 12.52 31.11
CA ILE A 243 1.97 13.75 31.52
C ILE A 243 2.25 14.79 30.44
N ALA A 244 1.19 15.25 29.77
CA ALA A 244 1.28 16.23 28.68
C ALA A 244 0.44 17.46 29.02
N ALA A 245 1.11 18.58 29.32
CA ALA A 245 0.49 19.81 29.80
C ALA A 245 0.56 20.87 28.69
N ASP A 246 -0.52 20.97 27.92
CA ASP A 246 -0.63 21.94 26.83
C ASP A 246 -1.97 22.68 26.82
N ASP A 247 -2.76 22.56 27.91
CA ASP A 247 -4.14 23.02 27.94
C ASP A 247 -4.26 24.54 27.88
N ARG A 248 -3.14 25.27 27.83
CA ARG A 248 -3.11 26.69 27.55
C ARG A 248 -2.22 26.91 26.34
N VAL A 249 -2.65 27.79 25.43
CA VAL A 249 -1.99 27.91 24.13
C VAL A 249 -1.05 29.12 24.05
N ARG A 250 -1.29 30.12 24.91
CA ARG A 250 -0.35 31.24 25.01
C ARG A 250 0.86 30.90 25.88
N GLU A 251 0.99 29.64 26.32
CA GLU A 251 2.13 29.27 27.14
C GLU A 251 2.83 28.05 26.54
N PRO A 252 4.14 27.91 26.79
CA PRO A 252 4.89 26.79 26.22
C PRO A 252 4.43 25.47 26.83
N GLY A 253 4.54 24.41 26.04
CA GLY A 253 4.18 23.10 26.53
C GLY A 253 5.28 22.52 27.40
N ARG A 254 4.86 21.76 28.41
CA ARG A 254 5.78 21.06 29.30
C ARG A 254 5.25 19.66 29.50
N PHE A 255 6.12 18.66 29.29
CA PHE A 255 5.72 17.27 29.21
C PHE A 255 6.69 16.41 29.99
N GLY A 256 6.27 15.17 30.23
CA GLY A 256 7.11 14.20 30.90
C GLY A 256 6.63 12.78 30.77
N VAL A 257 7.55 11.83 30.56
CA VAL A 257 7.21 10.41 30.46
C VAL A 257 8.17 9.61 31.32
N VAL A 258 7.66 8.50 31.84
CA VAL A 258 8.46 7.47 32.49
C VAL A 258 8.12 6.16 31.80
N TYR A 259 9.09 5.59 31.08
CA TYR A 259 8.91 4.35 30.36
C TYR A 259 9.73 3.23 31.01
N PRO A 260 9.20 2.01 31.05
CA PRO A 260 10.00 0.87 31.48
C PRO A 260 10.87 0.34 30.34
N ILE A 261 12.09 -0.07 30.68
CA ILE A 261 12.99 -0.71 29.73
C ILE A 261 13.57 -1.95 30.38
N GLU A 262 14.34 -2.70 29.61
CA GLU A 262 14.90 -3.95 30.10
C GLU A 262 15.87 -3.68 31.24
N GLY A 263 16.06 -4.69 32.08
CA GLY A 263 16.95 -4.57 33.22
C GLY A 263 16.34 -3.93 34.44
N GLY A 264 15.02 -3.84 34.50
CA GLY A 264 14.36 -3.25 35.65
C GLY A 264 14.67 -1.78 35.84
N ARG A 265 14.67 -1.00 34.76
CA ARG A 265 15.04 0.40 34.81
C ARG A 265 13.94 1.26 34.23
N TRP A 266 13.80 2.47 34.79
CA TRP A 266 12.88 3.48 34.29
C TRP A 266 13.66 4.52 33.48
N LEU A 267 13.18 4.81 32.28
CA LEU A 267 13.73 5.90 31.47
C LEU A 267 12.75 7.06 31.55
N ALA A 268 13.19 8.17 32.15
CA ALA A 268 12.35 9.33 32.37
C ALA A 268 12.82 10.46 31.47
N THR A 269 11.95 10.89 30.55
CA THR A 269 12.27 11.95 29.60
C THR A 269 11.32 13.13 29.81
N LEU A 270 11.88 14.28 30.14
CA LEU A 270 11.14 15.53 30.30
C LEU A 270 11.39 16.42 29.08
N SER A 271 10.37 17.17 28.69
CA SER A 271 10.45 17.95 27.46
C SER A 271 9.69 19.25 27.60
N CYS A 272 10.05 20.22 26.77
CA CYS A 272 9.37 21.51 26.78
C CYS A 272 9.54 22.17 25.41
N THR A 273 8.62 23.07 25.09
CA THR A 273 8.70 23.86 23.87
C THR A 273 9.36 25.20 24.16
N ARG A 274 9.54 25.99 23.10
CA ARG A 274 10.27 27.25 23.20
C ARG A 274 9.61 28.19 24.19
N GLY A 275 10.41 28.74 25.11
CA GLY A 275 9.92 29.61 26.16
C GLY A 275 10.04 29.02 27.55
N ALA A 276 9.95 27.70 27.68
CA ALA A 276 10.08 27.05 28.97
C ALA A 276 11.54 26.69 29.26
N GLN A 277 11.80 26.32 30.52
CA GLN A 277 13.14 26.06 31.00
C GLN A 277 13.25 24.61 31.43
N LEU A 278 14.18 23.87 30.81
CA LEU A 278 14.45 22.48 31.18
C LEU A 278 15.47 22.40 32.30
N PRO A 279 15.46 21.30 33.05
CA PRO A 279 16.55 21.01 34.00
C PRO A 279 17.90 20.90 33.31
N THR A 280 18.84 21.75 33.73
CA THR A 280 20.22 21.59 33.31
C THR A 280 21.13 20.97 34.37
N HIS A 281 20.62 20.74 35.57
CA HIS A 281 21.37 20.06 36.61
C HIS A 281 20.51 18.97 37.25
N GLU A 282 21.19 18.00 37.86
CA GLU A 282 20.49 16.84 38.37
C GLU A 282 19.47 17.21 39.43
N ASP A 283 19.74 18.27 40.20
CA ASP A 283 18.83 18.66 41.28
C ASP A 283 17.67 19.51 40.77
N GLU A 284 17.58 19.76 39.48
CA GLU A 284 16.43 20.43 38.87
C GLU A 284 15.50 19.45 38.16
N PHE A 285 15.83 18.16 38.14
CA PHE A 285 15.06 17.21 37.34
C PHE A 285 13.68 16.96 37.98
N ILE A 286 13.66 16.56 39.24
CA ILE A 286 12.41 16.25 39.92
C ILE A 286 11.53 17.48 40.10
N PRO A 287 12.07 18.66 40.43
CA PRO A 287 11.20 19.86 40.47
C PRO A 287 10.47 20.14 39.16
N PHE A 288 11.08 19.85 38.02
CA PHE A 288 10.36 20.04 36.75
C PHE A 288 9.16 19.11 36.67
N ALA A 289 9.33 17.87 37.13
CA ALA A 289 8.21 16.92 37.12
C ALA A 289 7.16 17.29 38.15
N GLU A 290 7.55 18.03 39.20
CA GLU A 290 6.57 18.43 40.22
C GLU A 290 5.70 19.58 39.75
N ASN A 291 6.13 20.31 38.73
CA ASN A 291 5.37 21.46 38.24
C ASN A 291 4.57 21.17 36.99
N LEU A 292 4.47 19.91 36.59
CA LEU A 292 3.51 19.55 35.56
C LEU A 292 2.09 19.60 36.15
N ASN A 293 1.09 19.38 35.31
CA ASN A 293 -0.29 19.52 35.75
C ASN A 293 -0.66 18.53 36.85
N HIS A 294 0.11 17.44 37.00
CA HIS A 294 -0.08 16.52 38.10
C HIS A 294 1.31 16.03 38.50
N PRO A 295 1.62 15.98 39.80
CA PRO A 295 2.99 15.67 40.22
C PRO A 295 3.32 14.18 40.28
N ILE A 296 2.57 13.35 39.55
CA ILE A 296 2.71 11.90 39.74
C ILE A 296 4.10 11.42 39.31
N LEU A 297 4.71 12.07 38.30
CA LEU A 297 6.02 11.61 37.86
C LEU A 297 7.09 11.89 38.91
N ALA A 298 6.95 12.99 39.65
CA ALA A 298 7.86 13.27 40.75
C ALA A 298 7.67 12.27 41.88
N ASP A 299 6.42 11.94 42.23
CA ASP A 299 6.19 10.98 43.30
C ASP A 299 6.74 9.61 42.96
N LEU A 300 6.72 9.23 41.68
CA LEU A 300 7.31 7.96 41.27
C LEU A 300 8.83 7.99 41.34
N LEU A 301 9.45 9.13 41.04
CA LEU A 301 10.89 9.24 40.93
C LEU A 301 11.53 9.83 42.17
N ARG A 302 10.77 10.03 43.25
CA ARG A 302 11.32 10.69 44.43
C ARG A 302 12.28 9.79 45.19
N ASP A 303 11.93 8.51 45.33
CA ASP A 303 12.79 7.55 46.00
C ASP A 303 13.52 6.62 45.04
N ALA A 304 13.42 6.88 43.74
CA ALA A 304 14.05 6.02 42.74
C ALA A 304 15.54 6.36 42.63
N GLU A 305 16.35 5.33 42.42
CA GLU A 305 17.80 5.52 42.36
C GLU A 305 18.22 6.00 40.98
N PRO A 306 18.79 7.19 40.85
CA PRO A 306 19.28 7.64 39.54
C PRO A 306 20.56 6.91 39.16
N LEU A 307 20.61 6.47 37.91
CA LEU A 307 21.77 5.76 37.38
C LEU A 307 22.62 6.59 36.44
N THR A 308 22.13 7.74 35.99
CA THR A 308 22.84 8.59 35.04
C THR A 308 22.69 10.04 35.45
N PRO A 309 23.53 10.93 34.92
CA PRO A 309 23.22 12.37 35.00
C PRO A 309 22.11 12.73 34.01
N VAL A 310 21.87 14.02 33.81
CA VAL A 310 20.81 14.44 32.90
C VAL A 310 21.40 14.55 31.50
N PHE A 311 20.78 13.86 30.55
CA PHE A 311 21.15 13.96 29.14
C PHE A 311 20.22 14.93 28.43
N GLY A 312 20.77 15.70 27.51
CA GLY A 312 19.99 16.72 26.83
C GLY A 312 19.89 16.47 25.34
N SER A 313 18.86 17.01 24.71
CA SER A 313 18.72 16.96 23.26
C SER A 313 17.98 18.20 22.79
N ARG A 314 18.40 18.74 21.65
CA ARG A 314 17.72 19.88 21.04
C ARG A 314 17.17 19.54 19.66
N SER A 315 17.06 18.25 19.33
CA SER A 315 16.58 17.82 18.01
C SER A 315 15.08 17.59 18.07
N GLY A 316 14.32 18.69 18.08
CA GLY A 316 12.88 18.59 18.25
C GLY A 316 12.08 19.30 17.18
N ALA A 317 12.72 19.65 16.08
CA ALA A 317 12.05 20.34 14.98
C ALA A 317 11.46 19.33 13.99
N ASN A 318 10.40 19.76 13.32
CA ASN A 318 9.83 19.01 12.19
C ASN A 318 10.34 19.63 10.91
N ARG A 319 11.03 18.84 10.09
CA ARG A 319 11.60 19.32 8.85
C ARG A 319 11.45 18.22 7.81
N ARG A 320 11.17 18.61 6.57
CA ARG A 320 10.96 17.66 5.49
C ARG A 320 11.57 18.21 4.21
N LEU A 321 12.47 17.45 3.60
CA LEU A 321 12.96 17.74 2.27
C LEU A 321 12.04 17.12 1.23
N TYR A 322 11.98 17.74 0.05
CA TYR A 322 11.15 17.25 -1.05
C TYR A 322 12.00 17.01 -2.29
N PRO A 323 12.85 15.97 -2.25
CA PRO A 323 13.59 15.62 -3.47
C PRO A 323 12.69 15.14 -4.58
N GLU A 324 11.52 14.59 -4.26
CA GLU A 324 10.58 14.11 -5.28
C GLU A 324 10.01 15.26 -6.11
N ARG A 325 10.24 16.50 -5.69
CA ARG A 325 9.79 17.67 -6.44
C ARG A 325 10.90 18.29 -7.29
N LEU A 326 12.16 17.92 -7.04
CA LEU A 326 13.28 18.58 -7.71
C LEU A 326 13.52 17.95 -9.08
N GLU A 327 13.38 18.77 -10.13
CA GLU A 327 13.65 18.30 -11.48
C GLU A 327 15.08 17.81 -11.62
N GLN A 328 16.04 18.53 -11.04
CA GLN A 328 17.45 18.19 -11.14
C GLN A 328 17.87 17.13 -10.13
N TRP A 329 16.95 16.30 -9.66
CA TRP A 329 17.35 15.24 -8.73
C TRP A 329 18.21 14.22 -9.47
N PRO A 330 19.43 13.94 -9.00
CA PRO A 330 20.32 13.05 -9.75
C PRO A 330 19.86 11.60 -9.68
N ASP A 331 20.02 10.90 -10.81
CA ASP A 331 19.77 9.47 -10.85
C ASP A 331 20.74 8.74 -9.93
N GLY A 332 20.29 7.59 -9.42
CA GLY A 332 21.13 6.74 -8.59
C GLY A 332 21.30 7.21 -7.16
N LEU A 333 20.50 8.16 -6.70
CA LEU A 333 20.60 8.68 -5.34
C LEU A 333 19.23 8.63 -4.68
N LEU A 334 19.20 8.11 -3.46
CA LEU A 334 18.02 8.14 -2.61
C LEU A 334 18.40 8.65 -1.24
N VAL A 335 17.43 9.25 -0.55
CA VAL A 335 17.62 9.76 0.80
C VAL A 335 16.44 9.25 1.64
N ILE A 336 16.73 8.73 2.83
CA ILE A 336 15.73 8.11 3.69
C ILE A 336 15.98 8.52 5.13
N GLY A 337 15.03 8.17 5.99
CA GLY A 337 15.20 8.36 7.41
C GLY A 337 15.16 9.83 7.81
N ASP A 338 15.83 10.13 8.92
CA ASP A 338 15.85 11.49 9.46
C ASP A 338 16.48 12.47 8.47
N SER A 339 17.34 11.99 7.58
CA SER A 339 17.91 12.87 6.56
C SER A 339 16.83 13.41 5.63
N LEU A 340 15.95 12.53 5.15
CA LEU A 340 14.86 12.99 4.31
C LEU A 340 13.87 13.83 5.12
N THR A 341 13.45 13.33 6.27
CA THR A 341 12.51 14.05 7.11
C THR A 341 12.64 13.58 8.55
N ALA A 342 12.56 14.53 9.48
CA ALA A 342 12.63 14.25 10.91
C ALA A 342 11.51 15.00 11.61
N PHE A 343 11.12 14.49 12.78
CA PHE A 343 9.92 14.98 13.45
C PHE A 343 10.21 15.27 14.91
N ASN A 344 9.22 15.86 15.56
CA ASN A 344 9.27 16.06 17.00
C ASN A 344 9.22 14.69 17.69
N PRO A 345 10.26 14.31 18.43
CA PRO A 345 10.27 12.98 19.06
C PRO A 345 9.10 12.68 19.97
N ILE A 346 8.40 13.70 20.48
CA ILE A 346 7.32 13.49 21.44
C ILE A 346 6.25 12.57 20.88
N TYR A 347 6.07 12.56 19.56
CA TYR A 347 5.05 11.69 18.97
C TYR A 347 5.62 10.33 18.58
N GLY A 348 6.95 10.17 18.62
CA GLY A 348 7.60 8.88 18.54
C GLY A 348 7.44 8.12 17.23
N HIS A 349 7.63 8.79 16.10
CA HIS A 349 7.40 8.17 14.80
C HIS A 349 8.66 8.01 13.97
N GLY A 350 9.82 8.43 14.45
CA GLY A 350 11.00 8.44 13.61
C GLY A 350 11.38 7.07 13.11
N MET A 351 11.39 6.07 14.00
CA MET A 351 11.77 4.72 13.60
C MET A 351 10.71 4.08 12.73
N SER A 352 9.43 4.37 12.97
CA SER A 352 8.40 3.86 12.08
C SER A 352 8.52 4.47 10.70
N SER A 353 8.90 5.74 10.62
CA SER A 353 9.15 6.34 9.32
C SER A 353 10.35 5.69 8.64
N ALA A 354 11.40 5.35 9.39
CA ALA A 354 12.51 4.64 8.79
C ALA A 354 12.09 3.27 8.26
N ALA A 355 11.26 2.56 9.01
CA ALA A 355 10.77 1.27 8.53
C ALA A 355 9.92 1.44 7.28
N ARG A 356 9.17 2.54 7.19
CA ARG A 356 8.36 2.80 5.99
C ARG A 356 9.26 3.01 4.78
N CYS A 357 10.38 3.71 4.98
CA CYS A 357 11.29 3.96 3.87
C CYS A 357 11.86 2.66 3.32
N ALA A 358 12.29 1.75 4.21
CA ALA A 358 12.80 0.47 3.75
C ALA A 358 11.70 -0.38 3.12
N THR A 359 10.51 -0.40 3.73
CA THR A 359 9.39 -1.16 3.16
C THR A 359 9.03 -0.67 1.77
N THR A 360 9.01 0.65 1.57
CA THR A 360 8.67 1.19 0.26
C THR A 360 9.70 0.81 -0.79
N ILE A 361 10.99 0.84 -0.43
CA ILE A 361 12.02 0.38 -1.34
C ILE A 361 11.78 -1.08 -1.71
N ASP A 362 11.47 -1.92 -0.72
CA ASP A 362 11.22 -3.33 -1.00
C ASP A 362 10.07 -3.52 -1.97
N ARG A 363 8.97 -2.81 -1.77
CA ARG A 363 7.76 -3.04 -2.57
C ARG A 363 7.85 -2.40 -3.95
N GLU A 364 8.70 -1.37 -4.11
CA GLU A 364 8.72 -0.59 -5.35
C GLU A 364 9.98 -0.79 -6.18
N PHE A 365 10.98 -1.51 -5.69
CA PHE A 365 12.27 -1.55 -6.38
C PHE A 365 12.13 -2.16 -7.78
N GLU A 366 11.62 -3.39 -7.86
CA GLU A 366 11.58 -4.08 -9.14
C GLU A 366 10.72 -3.33 -10.15
N ARG A 367 9.59 -2.78 -9.70
CA ARG A 367 8.74 -2.00 -10.59
C ARG A 367 9.44 -0.74 -11.08
N SER A 368 10.32 -0.16 -10.26
CA SER A 368 10.89 1.14 -10.62
C SER A 368 12.05 0.99 -11.59
N VAL A 369 12.90 -0.03 -11.40
CA VAL A 369 13.81 -0.37 -12.49
C VAL A 369 12.99 -0.92 -13.65
N GLN A 370 13.58 -0.91 -14.85
CA GLN A 370 12.90 -1.24 -16.12
C GLN A 370 11.50 -0.60 -16.21
N ARG A 377 17.21 8.07 -14.97
CA ARG A 377 16.45 6.93 -14.49
C ARG A 377 15.07 7.31 -14.00
N ALA A 378 14.03 6.74 -14.61
CA ALA A 378 12.70 6.90 -14.07
C ALA A 378 12.53 6.11 -12.77
N GLY A 379 13.40 5.14 -12.52
CA GLY A 379 13.31 4.30 -11.34
C GLY A 379 13.76 5.00 -10.08
N THR A 380 14.93 5.64 -10.13
CA THR A 380 15.43 6.38 -8.98
C THR A 380 14.42 7.43 -8.55
N ARG A 381 13.85 8.14 -9.53
CA ARG A 381 12.88 9.20 -9.25
C ARG A 381 11.54 8.62 -8.81
N ALA A 382 11.14 7.47 -9.37
CA ALA A 382 9.93 6.80 -8.90
C ALA A 382 10.07 6.31 -7.47
N LEU A 383 11.23 5.74 -7.13
CA LEU A 383 11.44 5.29 -5.77
C LEU A 383 11.39 6.45 -4.80
N GLN A 384 12.03 7.57 -5.15
CA GLN A 384 12.05 8.71 -4.25
C GLN A 384 10.66 9.33 -4.08
N LYS A 385 9.84 9.32 -5.13
CA LYS A 385 8.46 9.79 -5.01
C LYS A 385 7.64 8.87 -4.12
N ALA A 386 7.83 7.56 -4.26
CA ALA A 386 7.14 6.61 -3.40
C ALA A 386 7.58 6.74 -1.95
N ILE A 387 8.88 6.98 -1.73
CA ILE A 387 9.37 7.18 -0.36
C ILE A 387 8.78 8.44 0.24
N GLY A 388 8.69 9.52 -0.55
CA GLY A 388 8.13 10.76 -0.03
C GLY A 388 6.67 10.63 0.37
N ALA A 389 5.91 9.81 -0.36
CA ALA A 389 4.52 9.60 0.00
C ALA A 389 4.38 8.77 1.26
N ALA A 390 5.35 7.87 1.51
CA ALA A 390 5.27 7.02 2.69
C ALA A 390 5.57 7.79 3.98
N VAL A 391 6.29 8.90 3.91
CA VAL A 391 6.65 9.65 5.10
C VAL A 391 5.71 10.82 5.37
N ASP A 392 4.60 10.90 4.63
CA ASP A 392 3.70 12.04 4.80
C ASP A 392 2.92 11.95 6.11
N ASP A 393 2.51 10.73 6.50
CA ASP A 393 1.74 10.57 7.74
C ASP A 393 2.47 11.10 8.97
N PRO A 394 3.71 10.72 9.27
CA PRO A 394 4.36 11.27 10.47
C PRO A 394 4.66 12.76 10.35
N TRP A 395 4.85 13.27 9.13
CA TRP A 395 5.08 14.69 8.95
C TRP A 395 3.85 15.52 9.29
N ILE A 396 2.70 15.17 8.70
CA ILE A 396 1.52 16.03 8.87
C ILE A 396 0.97 15.91 10.29
N LEU A 397 1.17 14.77 10.95
CA LEU A 397 0.73 14.63 12.34
C LEU A 397 1.53 15.52 13.26
N ALA A 398 2.86 15.42 13.19
CA ALA A 398 3.70 16.20 14.09
C ALA A 398 3.59 17.69 13.82
N ALA A 399 3.55 18.07 12.53
CA ALA A 399 3.50 19.49 12.20
C ALA A 399 2.16 20.11 12.59
N THR A 400 1.07 19.36 12.42
CA THR A 400 -0.24 19.86 12.83
C THR A 400 -0.29 20.12 14.32
N LYS A 401 0.37 19.26 15.12
CA LYS A 401 0.32 19.40 16.56
C LYS A 401 1.24 20.49 17.07
N ASP A 402 2.34 20.78 16.36
CA ASP A 402 3.34 21.72 16.84
C ASP A 402 3.16 23.14 16.31
N ILE A 403 2.39 23.33 15.23
CA ILE A 403 2.39 24.61 14.52
C ILE A 403 1.80 25.73 15.36
N ASP A 404 0.91 25.41 16.30
CA ASP A 404 0.19 26.44 17.04
C ASP A 404 0.82 26.77 18.39
N TYR A 405 1.97 26.20 18.71
CA TYR A 405 2.63 26.55 19.97
C TYR A 405 3.15 27.99 19.89
N VAL A 406 3.15 28.66 21.04
CA VAL A 406 3.58 30.04 21.08
C VAL A 406 5.06 30.11 20.75
N ASN A 407 5.43 31.11 19.92
CA ASN A 407 6.81 31.31 19.45
C ASN A 407 7.31 30.13 18.61
N CYS A 408 6.41 29.46 17.91
CA CYS A 408 6.81 28.41 16.98
C CYS A 408 7.30 29.04 15.69
N ARG A 409 8.39 28.51 15.15
CA ARG A 409 8.98 29.04 13.94
C ARG A 409 8.49 28.19 12.78
N VAL A 410 7.73 28.80 11.88
CA VAL A 410 7.05 28.07 10.82
C VAL A 410 7.57 28.59 9.48
N SER A 411 7.98 27.67 8.61
CA SER A 411 8.41 27.99 7.26
C SER A 411 8.07 26.77 6.41
N ALA A 412 6.82 26.71 5.95
CA ALA A 412 6.34 25.57 5.22
C ALA A 412 5.38 26.04 4.15
N THR A 413 5.27 25.26 3.08
CA THR A 413 4.36 25.58 1.98
C THR A 413 3.15 24.66 1.95
N ASP A 414 3.06 23.71 2.88
CA ASP A 414 1.98 22.74 2.96
C ASP A 414 0.65 23.47 3.18
N PRO A 415 -0.25 23.45 2.21
CA PRO A 415 -1.53 24.17 2.38
C PRO A 415 -2.40 23.59 3.48
N ARG A 416 -2.19 22.32 3.85
CA ARG A 416 -2.88 21.77 5.01
C ARG A 416 -2.48 22.48 6.30
N LEU A 417 -1.35 23.17 6.32
CA LEU A 417 -0.87 23.85 7.51
C LEU A 417 -1.05 25.36 7.44
N ILE A 418 -0.68 25.97 6.32
CA ILE A 418 -0.59 27.43 6.25
C ILE A 418 -1.94 28.12 5.98
N GLY A 419 -2.86 27.46 5.28
CA GLY A 419 -4.08 28.15 4.89
C GLY A 419 -5.27 27.79 5.76
N VAL A 420 -5.01 27.52 7.04
CA VAL A 420 -6.00 26.98 7.96
C VAL A 420 -6.33 28.00 9.04
N ASP A 421 -7.61 28.07 9.40
CA ASP A 421 -8.04 28.83 10.56
C ASP A 421 -7.37 28.32 11.82
N THR A 422 -6.83 29.26 12.62
CA THR A 422 -6.02 28.83 13.75
C THR A 422 -6.86 28.58 14.99
N GLU A 423 -7.94 29.35 15.17
CA GLU A 423 -8.93 29.04 16.19
C GLU A 423 -9.50 27.65 15.99
N GLN A 424 -9.94 27.35 14.76
CA GLN A 424 -10.64 26.10 14.50
C GLN A 424 -9.71 24.90 14.60
N ARG A 425 -8.45 25.04 14.19
CA ARG A 425 -7.52 23.93 14.33
C ARG A 425 -7.30 23.57 15.79
N LEU A 426 -7.18 24.59 16.66
CA LEU A 426 -7.01 24.34 18.09
C LEU A 426 -8.26 23.72 18.70
N ARG A 427 -9.41 24.34 18.45
CA ARG A 427 -10.67 23.84 19.02
C ARG A 427 -10.92 22.41 18.59
N PHE A 428 -10.68 22.09 17.32
CA PHE A 428 -10.94 20.72 16.86
C PHE A 428 -9.97 19.74 17.49
N ALA A 429 -8.70 20.13 17.64
CA ALA A 429 -7.75 19.26 18.33
C ALA A 429 -8.18 19.00 19.76
N GLU A 430 -8.71 20.02 20.43
CA GLU A 430 -9.21 19.81 21.78
C GLU A 430 -10.37 18.84 21.80
N ALA A 431 -11.25 18.93 20.79
CA ALA A 431 -12.39 18.02 20.72
C ALA A 431 -11.95 16.59 20.43
N ILE A 432 -10.94 16.42 19.58
CA ILE A 432 -10.41 15.08 19.31
C ILE A 432 -9.88 14.47 20.60
N THR A 433 -9.12 15.25 21.37
CA THR A 433 -8.56 14.76 22.63
C THR A 433 -9.65 14.45 23.63
N ALA A 434 -10.63 15.34 23.77
CA ALA A 434 -11.71 15.14 24.74
C ALA A 434 -12.50 13.88 24.43
N ALA A 435 -12.67 13.56 23.15
CA ALA A 435 -13.39 12.35 22.79
C ALA A 435 -12.53 11.11 23.02
N SER A 436 -11.24 11.20 22.72
CA SER A 436 -10.38 10.01 22.79
C SER A 436 -10.18 9.53 24.23
N ILE A 437 -10.19 10.44 25.19
CA ILE A 437 -9.90 10.03 26.57
C ILE A 437 -11.11 9.39 27.25
N ARG A 438 -12.31 9.59 26.74
CA ARG A 438 -13.51 9.13 27.44
C ARG A 438 -14.53 8.42 26.56
N SER A 439 -14.23 8.21 25.28
CA SER A 439 -15.14 7.50 24.39
C SER A 439 -14.39 6.33 23.75
N PRO A 440 -14.87 5.09 23.94
CA PRO A 440 -14.13 3.94 23.39
C PRO A 440 -13.99 3.99 21.87
N LYS A 441 -15.07 4.31 21.16
CA LYS A 441 -14.99 4.29 19.69
C LYS A 441 -14.14 5.43 19.16
N ALA A 442 -14.13 6.58 19.85
CA ALA A 442 -13.24 7.66 19.45
C ALA A 442 -11.79 7.34 19.80
N SER A 443 -11.58 6.65 20.92
CA SER A 443 -10.22 6.30 21.32
C SER A 443 -9.57 5.35 20.32
N GLU A 444 -10.34 4.38 19.83
CA GLU A 444 -9.77 3.40 18.90
C GLU A 444 -9.23 4.07 17.64
N ILE A 445 -9.98 5.02 17.07
CA ILE A 445 -9.53 5.68 15.85
C ILE A 445 -8.34 6.59 16.14
N VAL A 446 -8.35 7.24 17.31
CA VAL A 446 -7.24 8.14 17.64
C VAL A 446 -5.94 7.35 17.82
N THR A 447 -6.00 6.18 18.49
CA THR A 447 -4.81 5.36 18.63
C THR A 447 -4.31 4.86 17.28
N ASP A 448 -5.21 4.65 16.32
CA ASP A 448 -4.77 4.30 14.97
C ASP A 448 -3.91 5.40 14.37
N VAL A 449 -4.38 6.65 14.47
CA VAL A 449 -3.60 7.77 13.99
C VAL A 449 -2.35 7.97 14.83
N MET A 450 -2.47 7.81 16.15
CA MET A 450 -1.34 8.00 17.05
C MET A 450 -0.27 6.94 16.80
N SER A 451 -0.67 5.71 16.47
CA SER A 451 0.25 4.62 16.18
C SER A 451 0.76 4.64 14.74
N LEU A 452 0.42 5.69 13.97
CA LEU A 452 0.86 5.84 12.58
C LEU A 452 0.28 4.74 11.70
N ASN A 453 -0.91 4.26 12.02
CA ASN A 453 -1.60 3.27 11.21
C ASN A 453 -2.81 3.82 10.47
N ALA A 454 -3.10 5.12 10.63
CA ALA A 454 -4.13 5.80 9.88
C ALA A 454 -3.67 7.24 9.70
N PRO A 455 -3.96 7.86 8.56
CA PRO A 455 -3.50 9.23 8.34
C PRO A 455 -4.21 10.20 9.29
N GLN A 456 -3.52 11.32 9.56
CA GLN A 456 -4.08 12.37 10.40
C GLN A 456 -5.42 12.86 9.88
N ALA A 457 -5.61 12.84 8.55
CA ALA A 457 -6.86 13.33 7.97
C ALA A 457 -8.06 12.49 8.37
N GLU A 458 -7.84 11.26 8.84
CA GLU A 458 -8.95 10.42 9.28
C GLU A 458 -9.72 11.06 10.43
N LEU A 459 -9.07 11.91 11.21
CA LEU A 459 -9.74 12.58 12.32
C LEU A 459 -10.72 13.65 11.86
N GLY A 460 -10.67 14.06 10.59
CA GLY A 460 -11.68 14.92 10.02
C GLY A 460 -12.71 14.21 9.17
N SER A 461 -12.67 12.88 9.12
CA SER A 461 -13.57 12.12 8.27
C SER A 461 -14.99 12.10 8.85
N ASN A 462 -15.95 11.81 7.97
CA ASN A 462 -17.31 11.57 8.44
C ASN A 462 -17.35 10.43 9.45
N ARG A 463 -16.50 9.42 9.27
CA ARG A 463 -16.49 8.26 10.17
C ARG A 463 -16.12 8.68 11.59
N PHE A 464 -15.09 9.52 11.74
CA PHE A 464 -14.69 9.93 13.09
C PHE A 464 -15.69 10.89 13.71
N LEU A 465 -16.25 11.80 12.90
CA LEU A 465 -17.23 12.75 13.44
C LEU A 465 -18.49 12.05 13.90
N MET A 466 -18.96 11.05 13.14
CA MET A 466 -20.12 10.27 13.57
C MET A 466 -19.81 9.47 14.82
N ALA A 467 -18.61 8.89 14.89
CA ALA A 467 -18.20 8.17 16.09
C ALA A 467 -18.11 9.10 17.29
N MET A 468 -17.67 10.34 17.07
CA MET A 468 -17.47 11.28 18.17
C MET A 468 -18.79 11.70 18.81
N ARG A 469 -19.81 11.96 18.01
CA ARG A 469 -21.12 12.30 18.54
C ARG A 469 -21.92 11.11 19.03
N ALA A 470 -21.86 10.00 18.33
CA ALA A 470 -22.74 8.88 18.60
C ALA A 470 -22.29 8.04 19.79
N ASP A 471 -20.98 7.95 20.01
CA ASP A 471 -20.46 7.10 21.07
C ASP A 471 -20.76 7.70 22.45
N GLU A 472 -20.79 6.83 23.44
CA GLU A 472 -20.92 7.26 24.83
C GLU A 472 -19.66 7.99 25.27
N ARG A 473 -19.79 8.80 26.32
CA ARG A 473 -18.65 9.40 26.98
C ARG A 473 -18.71 9.03 28.46
N LEU A 474 -17.67 8.36 28.93
CA LEU A 474 -17.62 7.94 30.32
C LEU A 474 -17.37 9.14 31.23
N PRO A 475 -17.69 9.02 32.52
CA PRO A 475 -17.48 10.15 33.44
C PRO A 475 -16.03 10.57 33.50
N GLU A 476 -15.82 11.82 33.86
CA GLU A 476 -14.48 12.37 33.96
C GLU A 476 -13.75 11.74 35.14
N LEU A 477 -12.51 11.29 34.90
CA LEU A 477 -11.69 10.77 35.98
C LEU A 477 -11.13 11.93 36.81
N THR A 478 -11.29 11.85 38.12
CA THR A 478 -10.80 12.88 39.03
C THR A 478 -9.47 12.50 39.67
N ALA A 479 -8.87 11.38 39.26
CA ALA A 479 -7.58 10.93 39.76
C ALA A 479 -6.94 10.08 38.69
N PRO A 480 -5.61 9.94 38.71
CA PRO A 480 -4.94 9.05 37.77
C PRO A 480 -5.47 7.63 37.90
N PRO A 481 -5.86 6.99 36.79
CA PRO A 481 -6.49 5.66 36.86
C PRO A 481 -5.49 4.53 37.10
N PHE A 482 -4.84 4.55 38.25
CA PHE A 482 -4.01 3.42 38.67
C PHE A 482 -4.87 2.35 39.31
N LEU A 483 -4.55 1.10 39.02
CA LEU A 483 -5.15 0.03 39.79
C LEU A 483 -4.44 -0.08 41.13
N PRO A 484 -5.14 -0.51 42.19
CA PRO A 484 -4.51 -0.55 43.52
C PRO A 484 -3.28 -1.44 43.59
N GLU A 485 -3.25 -2.54 42.83
CA GLU A 485 -2.08 -3.41 42.85
C GLU A 485 -0.90 -2.79 42.10
N GLU A 486 -1.15 -1.81 41.23
CA GLU A 486 -0.05 -1.10 40.60
C GLU A 486 0.57 -0.09 41.57
N LEU A 487 -0.27 0.63 42.30
CA LEU A 487 0.23 1.54 43.33
C LEU A 487 1.03 0.77 44.38
N ALA A 488 0.62 -0.48 44.67
CA ALA A 488 1.30 -1.27 45.68
C ALA A 488 2.71 -1.67 45.24
N VAL A 489 2.93 -1.80 43.92
CA VAL A 489 4.25 -2.18 43.44
C VAL A 489 5.25 -1.06 43.68
N VAL A 490 4.83 0.20 43.49
CA VAL A 490 5.71 1.34 43.69
C VAL A 490 5.57 1.95 45.08
N GLY A 491 4.69 1.41 45.92
CA GLY A 491 4.61 1.88 47.29
C GLY A 491 3.98 3.25 47.47
N LEU A 492 2.88 3.52 46.77
CA LEU A 492 2.11 4.76 46.92
C LEU A 492 0.67 4.41 47.25
N ASP A 493 -0.16 5.44 47.45
CA ASP A 493 -1.55 5.28 47.83
C ASP A 493 -2.33 6.55 47.52
N ALA A 494 -3.54 6.38 46.99
CA ALA A 494 -4.45 7.48 46.70
C ALA A 494 -3.81 8.53 45.79
N ALA A 495 -3.46 8.07 44.60
CA ALA A 495 -2.84 8.90 43.56
C ALA A 495 -1.55 9.55 44.07
N THR B 19 -13.43 22.52 0.64
CA THR B 19 -14.62 21.98 1.35
C THR B 19 -14.73 20.48 1.11
N ARG B 20 -15.25 19.74 2.10
CA ARG B 20 -15.40 18.25 1.99
C ARG B 20 -16.59 17.93 1.09
N PRO B 21 -16.41 17.13 0.02
CA PRO B 21 -17.52 16.78 -0.88
C PRO B 21 -18.73 16.23 -0.12
N ALA B 22 -19.93 16.71 -0.45
CA ALA B 22 -21.15 16.28 0.20
C ALA B 22 -22.04 15.40 -0.68
N HIS B 23 -21.83 15.42 -2.00
CA HIS B 23 -22.59 14.60 -2.94
C HIS B 23 -21.67 14.11 -4.03
N ALA B 24 -21.60 12.79 -4.20
CA ALA B 24 -20.82 12.13 -5.24
C ALA B 24 -21.77 11.29 -6.10
N VAL B 25 -21.51 11.24 -7.40
CA VAL B 25 -22.33 10.49 -8.34
C VAL B 25 -21.43 9.49 -9.06
N VAL B 26 -21.84 8.22 -9.05
CA VAL B 26 -21.13 7.13 -9.73
C VAL B 26 -21.95 6.76 -10.96
N LEU B 27 -21.32 6.88 -12.14
CA LEU B 27 -21.99 6.57 -13.40
C LEU B 27 -21.72 5.11 -13.73
N GLY B 28 -22.76 4.28 -13.65
CA GLY B 28 -22.54 2.88 -13.96
C GLY B 28 -22.50 2.02 -12.72
N ALA B 29 -23.07 0.82 -12.80
CA ALA B 29 -23.04 -0.07 -11.66
C ALA B 29 -21.97 -1.12 -11.90
N SER B 30 -22.36 -2.39 -12.03
CA SER B 30 -21.41 -3.47 -12.26
C SER B 30 -20.35 -3.46 -11.17
N MET B 31 -19.17 -4.05 -11.42
CA MET B 31 -18.26 -4.22 -10.29
C MET B 31 -17.53 -2.92 -9.94
N ALA B 32 -17.08 -2.16 -10.95
CA ALA B 32 -16.34 -0.93 -10.65
C ALA B 32 -17.23 0.09 -9.96
N GLY B 33 -18.45 0.29 -10.46
CA GLY B 33 -19.33 1.28 -9.86
C GLY B 33 -19.86 0.88 -8.50
N THR B 34 -20.20 -0.41 -8.34
CA THR B 34 -20.74 -0.87 -7.07
C THR B 34 -19.71 -0.76 -5.96
N LEU B 35 -18.46 -1.15 -6.24
CA LEU B 35 -17.43 -1.06 -5.22
C LEU B 35 -17.09 0.39 -4.91
N ALA B 36 -17.02 1.25 -5.93
CA ALA B 36 -16.72 2.65 -5.69
C ALA B 36 -17.85 3.33 -4.92
N ALA B 37 -19.10 2.97 -5.22
CA ALA B 37 -20.22 3.56 -4.50
C ALA B 37 -20.17 3.20 -3.02
N HIS B 38 -19.87 1.94 -2.70
CA HIS B 38 -19.76 1.55 -1.30
C HIS B 38 -18.66 2.33 -0.60
N VAL B 39 -17.54 2.56 -1.29
CA VAL B 39 -16.42 3.28 -0.72
C VAL B 39 -16.79 4.74 -0.45
N LEU B 40 -17.31 5.42 -1.47
CA LEU B 40 -17.59 6.84 -1.36
C LEU B 40 -18.67 7.12 -0.32
N ALA B 41 -19.57 6.16 -0.09
CA ALA B 41 -20.58 6.32 0.93
C ALA B 41 -19.98 6.37 2.33
N ARG B 42 -18.80 5.80 2.52
CA ARG B 42 -18.15 5.89 3.82
C ARG B 42 -17.59 7.28 4.10
N HIS B 43 -17.30 8.06 3.06
CA HIS B 43 -16.62 9.33 3.22
C HIS B 43 -17.44 10.56 2.83
N VAL B 44 -18.54 10.39 2.09
CA VAL B 44 -19.33 11.50 1.59
C VAL B 44 -20.77 11.31 2.03
N ASP B 45 -21.45 12.43 2.31
CA ASP B 45 -22.77 12.37 2.94
C ASP B 45 -23.76 11.57 2.12
N ALA B 46 -23.79 11.80 0.80
CA ALA B 46 -24.73 11.10 -0.06
C ALA B 46 -24.06 10.77 -1.38
N VAL B 47 -24.36 9.58 -1.91
CA VAL B 47 -23.84 9.12 -3.19
C VAL B 47 -24.99 8.71 -4.08
N THR B 48 -24.90 9.02 -5.37
CA THR B 48 -25.90 8.60 -6.32
C THR B 48 -25.29 7.65 -7.35
N VAL B 49 -25.93 6.50 -7.55
CA VAL B 49 -25.50 5.54 -8.54
C VAL B 49 -26.52 5.56 -9.67
N VAL B 50 -26.07 5.88 -10.87
CA VAL B 50 -26.97 6.08 -11.99
C VAL B 50 -26.67 4.96 -13.00
N GLU B 51 -27.66 4.07 -13.20
CA GLU B 51 -27.43 2.90 -14.04
C GLU B 51 -28.46 2.80 -15.14
N ARG B 52 -27.97 2.48 -16.35
CA ARG B 52 -28.82 2.42 -17.54
C ARG B 52 -29.79 1.25 -17.50
N ASP B 53 -29.37 0.11 -16.95
CA ASP B 53 -30.21 -1.08 -16.93
C ASP B 53 -31.00 -1.15 -15.63
N ALA B 54 -32.01 -2.02 -15.63
CA ALA B 54 -32.66 -2.41 -14.39
C ALA B 54 -31.85 -3.52 -13.73
N LEU B 55 -31.51 -3.32 -12.46
CA LEU B 55 -30.65 -4.27 -11.76
C LEU B 55 -31.52 -5.38 -11.18
N PRO B 56 -31.37 -6.63 -11.64
CA PRO B 56 -32.22 -7.72 -11.14
C PRO B 56 -31.81 -8.15 -9.75
N GLU B 57 -32.78 -8.67 -9.00
CA GLU B 57 -32.54 -9.17 -7.66
C GLU B 57 -32.19 -10.66 -7.61
N GLU B 58 -32.12 -11.33 -8.74
CA GLU B 58 -31.60 -12.69 -8.83
C GLU B 58 -30.69 -12.83 -10.05
N PRO B 59 -29.81 -13.87 -10.08
CA PRO B 59 -28.75 -13.92 -11.12
C PRO B 59 -29.24 -13.93 -12.56
N GLN B 60 -29.01 -12.84 -13.27
CA GLN B 60 -29.53 -12.67 -14.62
C GLN B 60 -28.62 -11.74 -15.41
N HIS B 61 -28.36 -12.11 -16.66
CA HIS B 61 -27.53 -11.29 -17.54
C HIS B 61 -28.28 -10.02 -17.95
N ARG B 62 -27.53 -9.02 -18.40
CA ARG B 62 -28.13 -7.76 -18.81
C ARG B 62 -27.28 -7.08 -19.88
N LYS B 63 -27.93 -6.20 -20.63
CA LYS B 63 -27.33 -5.55 -21.79
C LYS B 63 -26.14 -4.67 -21.42
N GLY B 64 -26.11 -4.14 -20.19
CA GLY B 64 -25.02 -3.26 -19.80
C GLY B 64 -23.71 -3.98 -19.55
N VAL B 65 -23.78 -5.25 -19.18
CA VAL B 65 -22.57 -6.06 -19.00
C VAL B 65 -22.72 -7.33 -19.82
N PRO B 66 -22.62 -7.25 -21.15
CA PRO B 66 -22.82 -8.44 -21.98
C PRO B 66 -21.72 -9.48 -21.84
N GLN B 67 -20.55 -9.10 -21.36
CA GLN B 67 -19.45 -10.05 -21.20
C GLN B 67 -19.69 -11.03 -20.05
N ALA B 68 -20.75 -10.85 -19.27
CA ALA B 68 -21.01 -11.74 -18.15
C ALA B 68 -21.27 -13.18 -18.57
N ARG B 69 -21.58 -13.42 -19.86
CA ARG B 69 -21.77 -14.75 -20.41
C ARG B 69 -20.47 -15.53 -20.61
N HIS B 70 -19.32 -14.89 -20.38
CA HIS B 70 -18.03 -15.47 -20.67
C HIS B 70 -17.32 -15.80 -19.35
N ALA B 71 -16.27 -16.62 -19.45
CA ALA B 71 -15.60 -17.10 -18.25
C ALA B 71 -15.06 -15.93 -17.43
N HIS B 72 -15.30 -15.99 -16.12
CA HIS B 72 -14.88 -14.93 -15.21
C HIS B 72 -14.24 -15.55 -13.99
N LEU B 73 -12.96 -15.25 -13.77
CA LEU B 73 -12.22 -15.62 -12.58
C LEU B 73 -12.01 -14.37 -11.73
N LEU B 74 -12.32 -14.47 -10.45
CA LEU B 74 -12.00 -13.42 -9.49
C LEU B 74 -10.73 -13.87 -8.78
N TRP B 75 -9.58 -13.39 -9.27
CA TRP B 75 -8.30 -13.78 -8.69
C TRP B 75 -8.22 -13.34 -7.23
N SER B 76 -7.27 -13.94 -6.52
CA SER B 76 -7.13 -13.69 -5.09
C SER B 76 -6.90 -12.21 -4.78
N ASN B 77 -6.25 -11.49 -5.69
CA ASN B 77 -6.03 -10.06 -5.47
C ASN B 77 -7.36 -9.32 -5.35
N GLY B 78 -8.25 -9.52 -6.33
CA GLY B 78 -9.57 -8.91 -6.25
C GLY B 78 -10.45 -9.53 -5.18
N ALA B 79 -10.32 -10.84 -4.95
CA ALA B 79 -11.14 -11.49 -3.94
C ALA B 79 -10.81 -10.98 -2.54
N ARG B 80 -9.52 -10.80 -2.24
CA ARG B 80 -9.14 -10.31 -0.92
C ARG B 80 -9.52 -8.85 -0.75
N LEU B 81 -9.32 -8.03 -1.79
CA LEU B 81 -9.71 -6.62 -1.70
C LEU B 81 -11.21 -6.49 -1.53
N ILE B 82 -11.99 -7.31 -2.22
CA ILE B 82 -13.44 -7.25 -2.06
C ILE B 82 -13.84 -7.79 -0.69
N GLU B 83 -13.15 -8.83 -0.21
CA GLU B 83 -13.46 -9.39 1.10
C GLU B 83 -13.18 -8.39 2.21
N GLU B 84 -12.07 -7.65 2.10
CA GLU B 84 -11.76 -6.65 3.11
C GLU B 84 -12.71 -5.46 3.04
N MET B 85 -13.25 -5.18 1.86
CA MET B 85 -14.26 -4.13 1.73
C MET B 85 -15.63 -4.61 2.21
N LEU B 86 -16.01 -5.81 1.82
CA LEU B 86 -17.35 -6.36 2.11
C LEU B 86 -17.18 -7.70 2.81
N PRO B 87 -17.01 -7.71 4.13
CA PRO B 87 -16.81 -8.96 4.86
C PRO B 87 -17.96 -9.94 4.66
N GLY B 88 -17.62 -11.22 4.57
CA GLY B 88 -18.60 -12.27 4.36
C GLY B 88 -18.93 -12.58 2.92
N THR B 89 -18.46 -11.75 1.98
CA THR B 89 -18.82 -11.96 0.57
C THR B 89 -18.32 -13.30 0.06
N THR B 90 -17.09 -13.67 0.43
CA THR B 90 -16.54 -14.96 -0.02
C THR B 90 -17.39 -16.11 0.49
N ASP B 91 -17.84 -16.05 1.75
CA ASP B 91 -18.64 -17.13 2.29
C ASP B 91 -20.00 -17.23 1.61
N ARG B 92 -20.60 -16.08 1.27
CA ARG B 92 -21.89 -16.11 0.57
C ARG B 92 -21.73 -16.68 -0.83
N LEU B 93 -20.62 -16.35 -1.51
CA LEU B 93 -20.37 -16.90 -2.85
C LEU B 93 -20.24 -18.41 -2.80
N LEU B 94 -19.45 -18.93 -1.86
CA LEU B 94 -19.26 -20.37 -1.74
C LEU B 94 -20.57 -21.05 -1.37
N ALA B 95 -21.35 -20.44 -0.47
CA ALA B 95 -22.65 -21.01 -0.12
C ALA B 95 -23.59 -20.99 -1.30
N ALA B 96 -23.43 -20.03 -2.23
CA ALA B 96 -24.28 -19.93 -3.41
C ALA B 96 -23.81 -20.80 -4.56
N GLY B 97 -22.68 -21.49 -4.42
CA GLY B 97 -22.21 -22.41 -5.43
C GLY B 97 -20.88 -22.04 -6.09
N ALA B 98 -20.27 -20.93 -5.75
CA ALA B 98 -18.96 -20.61 -6.30
C ALA B 98 -17.91 -21.61 -5.80
N ARG B 99 -16.81 -21.71 -6.54
CA ARG B 99 -15.73 -22.62 -6.20
C ARG B 99 -14.42 -21.86 -6.08
N ARG B 100 -13.64 -22.22 -5.06
CA ARG B 100 -12.32 -21.65 -4.82
C ARG B 100 -11.30 -22.57 -5.48
N LEU B 101 -10.86 -22.20 -6.68
CA LEU B 101 -9.87 -22.98 -7.41
C LEU B 101 -8.47 -22.60 -6.93
N GLY B 102 -7.70 -23.58 -6.48
CA GLY B 102 -6.32 -23.34 -6.10
C GLY B 102 -5.37 -23.49 -7.29
N PHE B 103 -4.42 -22.57 -7.38
CA PHE B 103 -3.45 -22.56 -8.48
C PHE B 103 -2.07 -22.94 -7.96
N PRO B 104 -1.37 -23.88 -8.62
CA PRO B 104 -1.83 -24.61 -9.80
C PRO B 104 -2.50 -25.94 -9.49
N GLU B 105 -2.86 -26.17 -8.23
CA GLU B 105 -3.29 -27.50 -7.80
C GLU B 105 -4.59 -27.94 -8.48
N ASP B 106 -5.58 -27.06 -8.56
CA ASP B 106 -6.92 -27.43 -9.01
C ASP B 106 -7.14 -27.20 -10.50
N LEU B 107 -6.08 -27.18 -11.31
CA LEU B 107 -6.21 -26.96 -12.74
C LEU B 107 -5.28 -27.89 -13.49
N VAL B 108 -5.79 -28.47 -14.57
CA VAL B 108 -4.97 -29.17 -15.55
C VAL B 108 -4.73 -28.18 -16.69
N THR B 109 -3.50 -27.70 -16.79
CA THR B 109 -3.16 -26.60 -17.68
C THR B 109 -2.06 -27.04 -18.64
N LEU B 110 -2.29 -26.82 -19.93
CA LEU B 110 -1.27 -27.07 -20.95
C LEU B 110 -0.72 -25.73 -21.43
N THR B 111 0.59 -25.54 -21.26
CA THR B 111 1.29 -24.37 -21.73
C THR B 111 2.05 -24.69 -23.00
N GLY B 112 2.63 -23.66 -23.61
CA GLY B 112 3.50 -23.87 -24.75
C GLY B 112 4.77 -24.65 -24.41
N GLN B 113 5.10 -24.78 -23.14
CA GLN B 113 6.27 -25.54 -22.72
C GLN B 113 5.93 -26.92 -22.17
N GLY B 114 4.64 -27.24 -22.03
CA GLY B 114 4.18 -28.53 -21.57
C GLY B 114 3.16 -28.39 -20.46
N TRP B 115 2.79 -29.53 -19.88
CA TRP B 115 1.76 -29.53 -18.85
C TRP B 115 2.29 -28.96 -17.54
N GLN B 116 1.43 -28.26 -16.82
CA GLN B 116 1.78 -27.67 -15.53
C GLN B 116 1.67 -28.72 -14.43
N HIS B 117 2.75 -28.92 -13.68
CA HIS B 117 2.69 -29.78 -12.50
C HIS B 117 1.74 -29.15 -11.47
N ARG B 118 0.84 -29.98 -10.95
CA ARG B 118 -0.22 -29.48 -10.06
C ARG B 118 0.31 -29.42 -8.62
N PHE B 119 1.26 -28.49 -8.43
CA PHE B 119 1.85 -28.27 -7.12
C PHE B 119 0.76 -27.83 -6.13
N PRO B 120 1.01 -28.00 -4.83
CA PRO B 120 0.07 -27.47 -3.83
C PRO B 120 -0.20 -26.00 -4.05
N ALA B 121 -1.47 -25.61 -3.88
CA ALA B 121 -1.93 -24.29 -4.27
C ALA B 121 -1.19 -23.20 -3.51
N THR B 122 -0.66 -22.23 -4.24
CA THR B 122 -0.05 -21.05 -3.65
C THR B 122 -0.88 -19.79 -3.84
N GLN B 123 -1.84 -19.80 -4.77
CA GLN B 123 -2.82 -18.74 -4.94
C GLN B 123 -4.16 -19.38 -5.23
N PHE B 124 -5.20 -18.56 -5.36
CA PHE B 124 -6.53 -19.08 -5.64
C PHE B 124 -7.30 -18.07 -6.47
N ALA B 125 -8.45 -18.52 -6.98
CA ALA B 125 -9.39 -17.65 -7.67
C ALA B 125 -10.79 -18.19 -7.45
N LEU B 126 -11.73 -17.29 -7.18
CA LEU B 126 -13.13 -17.67 -7.07
C LEU B 126 -13.74 -17.70 -8.46
N VAL B 127 -14.45 -18.79 -8.77
CA VAL B 127 -15.09 -18.96 -10.06
C VAL B 127 -16.57 -19.20 -9.84
N ALA B 128 -17.38 -18.53 -10.65
CA ALA B 128 -18.83 -18.64 -10.65
C ALA B 128 -19.34 -17.87 -11.86
N SER B 129 -20.65 -17.94 -12.09
CA SER B 129 -21.26 -17.07 -13.10
C SER B 129 -21.08 -15.61 -12.70
N ARG B 130 -20.76 -14.78 -13.68
CA ARG B 130 -20.63 -13.34 -13.42
C ARG B 130 -21.90 -12.70 -12.90
N PRO B 131 -23.12 -13.04 -13.37
CA PRO B 131 -24.31 -12.46 -12.74
C PRO B 131 -24.46 -12.79 -11.27
N LEU B 132 -24.06 -14.01 -10.87
CA LEU B 132 -24.13 -14.37 -9.44
C LEU B 132 -23.17 -13.53 -8.61
N LEU B 133 -21.94 -13.36 -9.11
CA LEU B 133 -20.91 -12.57 -8.39
C LEU B 133 -21.35 -11.10 -8.32
N ASP B 134 -21.93 -10.60 -9.40
CA ASP B 134 -22.41 -9.21 -9.46
C ASP B 134 -23.51 -8.96 -8.43
N LEU B 135 -24.50 -9.84 -8.38
CA LEU B 135 -25.61 -9.65 -7.45
C LEU B 135 -25.16 -9.78 -6.01
N THR B 136 -24.24 -10.72 -5.74
CA THR B 136 -23.74 -10.90 -4.38
C THR B 136 -23.00 -9.66 -3.90
N VAL B 137 -22.20 -9.05 -4.77
CA VAL B 137 -21.51 -7.82 -4.40
C VAL B 137 -22.52 -6.68 -4.26
N ARG B 138 -23.49 -6.60 -5.18
CA ARG B 138 -24.52 -5.57 -5.09
C ARG B 138 -25.30 -5.69 -3.80
N GLN B 139 -25.67 -6.92 -3.41
CA GLN B 139 -26.48 -7.13 -2.21
C GLN B 139 -25.77 -6.68 -0.94
N GLN B 140 -24.44 -6.74 -0.91
CA GLN B 140 -23.66 -6.36 0.27
C GLN B 140 -23.05 -4.96 0.19
N ALA B 141 -23.21 -4.27 -0.93
CA ALA B 141 -22.58 -2.97 -1.09
C ALA B 141 -23.59 -1.83 -1.21
N LEU B 142 -24.72 -2.05 -1.87
CA LEU B 142 -25.65 -0.99 -2.19
C LEU B 142 -26.81 -0.87 -1.21
N GLY B 143 -26.73 -1.56 -0.07
CA GLY B 143 -27.77 -1.49 0.93
C GLY B 143 -27.66 -0.36 1.91
N ALA B 144 -26.65 0.50 1.77
CA ALA B 144 -26.45 1.59 2.72
C ALA B 144 -27.52 2.66 2.57
N ASP B 145 -27.85 3.30 3.68
CA ASP B 145 -28.94 4.28 3.68
C ASP B 145 -28.61 5.52 2.87
N ASN B 146 -27.31 5.86 2.76
CA ASN B 146 -26.91 7.07 2.05
C ASN B 146 -26.47 6.79 0.62
N ILE B 147 -26.87 5.65 0.06
CA ILE B 147 -26.68 5.34 -1.35
C ILE B 147 -28.05 5.30 -2.00
N THR B 148 -28.23 6.11 -3.05
CA THR B 148 -29.46 6.15 -3.81
C THR B 148 -29.17 5.64 -5.21
N VAL B 149 -29.89 4.61 -5.64
CA VAL B 149 -29.67 4.00 -6.94
C VAL B 149 -30.75 4.49 -7.90
N ARG B 150 -30.34 5.10 -9.01
CA ARG B 150 -31.23 5.59 -10.08
C ARG B 150 -31.22 4.56 -11.20
N GLN B 151 -31.95 3.46 -11.00
CA GLN B 151 -31.95 2.45 -12.04
C GLN B 151 -32.65 2.98 -13.29
N ARG B 152 -32.38 2.29 -14.41
CA ARG B 152 -32.90 2.67 -15.71
C ARG B 152 -32.76 4.19 -15.93
N THR B 153 -31.56 4.72 -15.65
CA THR B 153 -31.25 6.12 -15.87
C THR B 153 -29.91 6.21 -16.59
N GLU B 154 -29.83 7.01 -17.66
CA GLU B 154 -28.62 7.06 -18.47
C GLU B 154 -27.95 8.42 -18.37
N ALA B 155 -26.64 8.42 -18.12
CA ALA B 155 -25.83 9.63 -18.17
C ALA B 155 -25.49 9.98 -19.61
N VAL B 156 -25.75 11.22 -20.01
CA VAL B 156 -25.56 11.65 -21.38
C VAL B 156 -24.40 12.64 -21.51
N GLU B 157 -24.23 13.55 -20.55
CA GLU B 157 -23.10 14.48 -20.67
C GLU B 157 -22.79 15.10 -19.31
N LEU B 158 -21.57 15.63 -19.22
CA LEU B 158 -21.04 16.30 -18.04
C LEU B 158 -21.21 17.82 -18.12
N THR B 159 -21.27 18.44 -16.95
CA THR B 159 -21.36 19.89 -16.81
C THR B 159 -20.14 20.44 -16.09
N GLY B 160 -19.81 21.70 -16.41
CA GLY B 160 -18.70 22.37 -15.75
C GLY B 160 -17.94 23.33 -16.63
N SER B 161 -16.63 23.22 -16.62
CA SER B 161 -15.74 24.04 -17.43
C SER B 161 -14.50 23.22 -17.77
N GLY B 162 -13.86 23.58 -18.89
CA GLY B 162 -12.67 22.91 -19.34
C GLY B 162 -11.83 23.79 -20.26
N GLY B 163 -10.66 23.28 -20.62
CA GLY B 163 -9.75 23.98 -21.50
C GLY B 163 -8.99 25.09 -20.80
N GLY B 164 -8.00 25.62 -21.51
CA GLY B 164 -7.21 26.72 -20.97
C GLY B 164 -6.49 26.35 -19.68
N SER B 165 -6.84 27.06 -18.61
CA SER B 165 -6.25 26.89 -17.28
C SER B 165 -6.49 25.52 -16.66
N GLY B 166 -7.38 24.70 -17.23
CA GLY B 166 -7.80 23.50 -16.56
C GLY B 166 -9.14 23.72 -15.86
N GLY B 167 -10.18 23.07 -16.37
CA GLY B 167 -11.54 23.29 -15.89
C GLY B 167 -11.91 22.60 -14.59
N ARG B 168 -13.19 22.27 -14.48
CA ARG B 168 -13.80 21.77 -13.25
C ARG B 168 -15.19 21.21 -13.56
N VAL B 169 -15.59 20.10 -12.92
CA VAL B 169 -16.84 19.39 -13.24
C VAL B 169 -17.91 19.72 -12.18
N THR B 170 -19.11 20.09 -12.65
CA THR B 170 -20.19 20.47 -11.75
C THR B 170 -21.27 19.40 -11.57
N GLY B 171 -21.42 18.48 -12.52
CA GLY B 171 -22.52 17.53 -12.45
C GLY B 171 -22.65 16.73 -13.73
N VAL B 172 -23.83 16.13 -13.92
CA VAL B 172 -24.06 15.26 -15.07
C VAL B 172 -25.53 15.35 -15.46
N VAL B 173 -25.79 15.34 -16.77
CA VAL B 173 -27.14 15.28 -17.32
C VAL B 173 -27.57 13.82 -17.43
N VAL B 174 -28.75 13.50 -16.88
CA VAL B 174 -29.26 12.13 -16.88
C VAL B 174 -30.60 12.04 -17.60
N ARG B 175 -30.88 10.85 -18.14
CA ARG B 175 -32.18 10.55 -18.72
C ARG B 175 -32.84 9.39 -17.99
N ASP B 176 -34.07 9.60 -17.53
CA ASP B 176 -34.87 8.51 -16.99
C ASP B 176 -35.50 7.79 -18.17
N LEU B 177 -35.34 6.46 -18.21
CA LEU B 177 -35.68 5.70 -19.41
C LEU B 177 -37.13 5.21 -19.43
N ASP B 178 -37.81 5.13 -18.28
CA ASP B 178 -39.23 4.76 -18.29
C ASP B 178 -40.15 5.96 -18.42
N SER B 179 -39.65 7.17 -18.15
CA SER B 179 -40.37 8.41 -18.32
C SER B 179 -39.92 9.19 -19.54
N GLY B 180 -38.68 9.02 -19.98
CA GLY B 180 -38.13 9.78 -21.08
C GLY B 180 -37.62 11.16 -20.71
N ARG B 181 -37.64 11.53 -19.44
CA ARG B 181 -37.30 12.87 -19.00
C ARG B 181 -35.79 13.02 -18.79
N GLN B 182 -35.31 14.23 -19.07
CA GLN B 182 -33.94 14.60 -18.78
C GLN B 182 -33.92 15.43 -17.50
N GLU B 183 -32.77 15.44 -16.83
CA GLU B 183 -32.65 16.10 -15.55
C GLU B 183 -31.20 16.47 -15.32
N GLN B 184 -30.97 17.60 -14.64
CA GLN B 184 -29.63 18.00 -14.28
C GLN B 184 -29.31 17.57 -12.86
N LEU B 185 -28.23 16.81 -12.72
CA LEU B 185 -27.80 16.24 -11.44
C LEU B 185 -26.45 16.85 -11.12
N GLU B 186 -26.42 17.85 -10.24
CA GLU B 186 -25.16 18.46 -9.86
C GLU B 186 -24.47 17.61 -8.78
N ALA B 187 -23.15 17.73 -8.73
CA ALA B 187 -22.35 16.89 -7.87
C ALA B 187 -21.03 17.56 -7.58
N ASP B 188 -20.48 17.28 -6.39
CA ASP B 188 -19.13 17.72 -6.06
C ASP B 188 -18.07 16.78 -6.62
N LEU B 189 -18.46 15.58 -7.05
CA LEU B 189 -17.51 14.58 -7.53
C LEU B 189 -18.27 13.61 -8.40
N VAL B 190 -17.77 13.37 -9.60
CA VAL B 190 -18.39 12.47 -10.56
C VAL B 190 -17.41 11.34 -10.86
N ILE B 191 -17.90 10.11 -10.83
CA ILE B 191 -17.10 8.92 -11.07
C ILE B 191 -17.63 8.24 -12.33
N ASP B 192 -16.80 8.17 -13.36
CA ASP B 192 -17.13 7.43 -14.58
C ASP B 192 -16.73 5.98 -14.38
N ALA B 193 -17.73 5.09 -14.34
CA ALA B 193 -17.51 3.65 -14.27
C ALA B 193 -18.36 2.94 -15.32
N THR B 194 -18.51 3.62 -16.47
CA THR B 194 -19.39 3.15 -17.58
C THR B 194 -18.85 1.93 -18.31
N GLY B 195 -17.57 1.59 -18.14
CA GLY B 195 -17.00 0.42 -18.80
C GLY B 195 -16.17 0.76 -20.02
N ARG B 196 -15.86 -0.29 -20.80
CA ARG B 196 -14.95 -0.12 -21.93
C ARG B 196 -15.56 0.72 -23.05
N GLY B 197 -16.87 0.68 -23.21
CA GLY B 197 -17.53 1.48 -24.21
C GLY B 197 -17.92 2.84 -23.71
N SER B 198 -17.11 3.40 -22.79
CA SER B 198 -17.50 4.65 -22.12
C SER B 198 -17.27 5.84 -23.03
N ARG B 199 -18.05 6.89 -22.81
CA ARG B 199 -18.06 8.04 -23.70
C ARG B 199 -17.19 9.18 -23.18
N LEU B 200 -16.22 8.88 -22.32
CA LEU B 200 -15.49 9.92 -21.60
C LEU B 200 -14.76 10.87 -22.54
N LYS B 201 -14.18 10.35 -23.61
CA LYS B 201 -13.37 11.20 -24.48
C LYS B 201 -14.23 12.21 -25.24
N GLN B 202 -15.49 11.89 -25.52
CA GLN B 202 -16.39 12.89 -26.08
C GLN B 202 -16.88 13.85 -25.02
N TRP B 203 -17.13 13.34 -23.80
CA TRP B 203 -17.51 14.22 -22.70
C TRP B 203 -16.42 15.24 -22.42
N LEU B 204 -15.15 14.79 -22.50
CA LEU B 204 -14.01 15.69 -22.33
C LEU B 204 -14.00 16.78 -23.39
N ALA B 205 -14.04 16.38 -24.65
CA ALA B 205 -14.03 17.36 -25.73
C ALA B 205 -15.26 18.26 -25.64
N ALA B 206 -16.35 17.75 -25.08
CA ALA B 206 -17.55 18.56 -24.94
C ALA B 206 -17.38 19.68 -23.92
N LEU B 207 -16.41 19.58 -22.99
CA LEU B 207 -16.07 20.75 -22.19
C LEU B 207 -14.75 21.38 -22.64
N GLY B 208 -14.21 20.95 -23.78
CA GLY B 208 -13.00 21.57 -24.28
C GLY B 208 -11.71 21.07 -23.66
N VAL B 209 -11.77 19.99 -22.90
CA VAL B 209 -10.55 19.43 -22.29
C VAL B 209 -9.71 18.77 -23.37
N PRO B 210 -8.39 18.98 -23.39
CA PRO B 210 -7.57 18.38 -24.45
C PRO B 210 -7.67 16.87 -24.45
N ALA B 211 -7.18 16.27 -25.54
CA ALA B 211 -7.27 14.83 -25.70
C ALA B 211 -6.31 14.15 -24.74
N LEU B 212 -6.73 13.01 -24.20
CA LEU B 212 -5.89 12.27 -23.26
C LEU B 212 -4.90 11.37 -23.99
N GLU B 213 -3.80 11.08 -23.31
CA GLU B 213 -2.87 10.07 -23.79
C GLU B 213 -3.48 8.69 -23.64
N GLU B 214 -3.18 7.80 -24.59
CA GLU B 214 -3.70 6.44 -24.54
C GLU B 214 -2.65 5.49 -25.10
N ASP B 215 -2.37 4.43 -24.34
CA ASP B 215 -1.56 3.32 -24.81
C ASP B 215 -2.47 2.17 -25.19
N VAL B 216 -2.20 1.56 -26.35
CA VAL B 216 -3.03 0.47 -26.87
C VAL B 216 -2.12 -0.65 -27.34
N VAL B 217 -2.42 -1.87 -26.90
CA VAL B 217 -1.84 -3.10 -27.42
C VAL B 217 -3.02 -4.01 -27.74
N ASP B 218 -3.31 -4.18 -29.02
CA ASP B 218 -4.53 -4.83 -29.49
C ASP B 218 -4.13 -6.03 -30.34
N ALA B 219 -4.20 -7.22 -29.76
CA ALA B 219 -3.96 -8.47 -30.47
C ALA B 219 -5.22 -9.01 -31.13
N GLY B 220 -6.33 -8.26 -31.09
CA GLY B 220 -7.55 -8.69 -31.73
C GLY B 220 -8.11 -9.98 -31.18
N VAL B 221 -8.19 -10.10 -29.85
CA VAL B 221 -8.67 -11.32 -29.23
C VAL B 221 -10.18 -11.36 -29.28
N ALA B 222 -10.74 -12.52 -29.65
CA ALA B 222 -12.19 -12.72 -29.66
C ALA B 222 -12.51 -13.96 -28.85
N TYR B 223 -13.79 -14.09 -28.47
CA TYR B 223 -14.22 -15.12 -27.52
C TYR B 223 -15.54 -15.72 -27.94
N ALA B 224 -15.62 -17.05 -27.82
CA ALA B 224 -16.84 -17.82 -28.08
C ALA B 224 -17.06 -18.74 -26.89
N THR B 225 -18.27 -18.72 -26.34
CA THR B 225 -18.58 -19.43 -25.11
C THR B 225 -19.90 -20.20 -25.25
N ARG B 226 -19.94 -21.44 -24.74
CA ARG B 226 -21.15 -22.30 -24.66
C ARG B 226 -21.23 -22.94 -23.26
N LEU B 227 -22.35 -22.79 -22.54
CA LEU B 227 -22.50 -23.35 -21.21
C LEU B 227 -23.07 -24.76 -21.34
N PHE B 228 -22.45 -25.71 -20.65
CA PHE B 228 -22.82 -27.11 -20.69
C PHE B 228 -23.21 -27.55 -19.27
N LYS B 229 -24.10 -28.53 -19.17
CA LYS B 229 -24.39 -29.15 -17.88
C LYS B 229 -23.32 -30.19 -17.60
N ALA B 230 -22.55 -29.98 -16.53
CA ALA B 230 -21.42 -30.86 -16.27
C ALA B 230 -21.91 -32.22 -15.74
N PRO B 231 -21.14 -33.28 -15.96
CA PRO B 231 -21.43 -34.56 -15.31
C PRO B 231 -21.57 -34.37 -13.82
N PRO B 232 -22.53 -35.05 -13.21
CA PRO B 232 -22.82 -34.80 -11.79
C PRO B 232 -21.61 -35.01 -10.90
N GLY B 233 -21.29 -34.00 -10.10
CA GLY B 233 -20.14 -34.03 -9.22
C GLY B 233 -18.88 -33.46 -9.80
N ALA B 234 -18.84 -33.21 -11.12
CA ALA B 234 -17.61 -32.72 -11.75
C ALA B 234 -17.26 -31.31 -11.28
N THR B 235 -18.27 -30.46 -11.08
CA THR B 235 -18.03 -29.10 -10.61
C THR B 235 -17.38 -29.04 -9.24
N THR B 236 -17.36 -30.15 -8.51
CA THR B 236 -16.81 -30.20 -7.16
C THR B 236 -15.57 -31.07 -7.04
N HIS B 237 -15.47 -32.15 -7.81
CA HIS B 237 -14.37 -33.10 -7.67
C HIS B 237 -13.52 -33.20 -8.94
N PHE B 238 -13.74 -32.32 -9.92
CA PHE B 238 -12.98 -32.36 -11.14
C PHE B 238 -12.34 -30.99 -11.40
N PRO B 239 -11.06 -30.96 -11.79
CA PRO B 239 -10.38 -29.68 -11.96
C PRO B 239 -10.85 -28.94 -13.21
N ALA B 240 -10.56 -27.64 -13.22
CA ALA B 240 -10.68 -26.86 -14.44
C ALA B 240 -9.56 -27.21 -15.39
N VAL B 241 -9.83 -27.08 -16.69
CA VAL B 241 -8.87 -27.42 -17.74
C VAL B 241 -8.65 -26.18 -18.59
N ASN B 242 -7.38 -25.83 -18.78
CA ASN B 242 -6.99 -24.63 -19.53
C ASN B 242 -5.94 -25.02 -20.55
N ILE B 243 -6.20 -24.72 -21.82
CA ILE B 243 -5.33 -25.06 -22.92
C ILE B 243 -4.86 -23.78 -23.59
N ALA B 244 -3.56 -23.54 -23.58
CA ALA B 244 -2.96 -22.35 -24.18
C ALA B 244 -2.05 -22.83 -25.30
N ALA B 245 -2.50 -22.65 -26.55
CA ALA B 245 -1.81 -23.21 -27.72
C ALA B 245 -1.10 -22.04 -28.37
N ASP B 246 0.14 -21.87 -27.98
CA ASP B 246 0.93 -20.65 -28.06
C ASP B 246 2.40 -20.81 -28.39
N ASP B 247 2.86 -22.02 -28.69
CA ASP B 247 4.26 -22.43 -28.80
C ASP B 247 4.95 -21.97 -30.08
N ARG B 248 4.24 -21.37 -31.03
CA ARG B 248 4.86 -20.76 -32.19
C ARG B 248 4.45 -19.31 -32.30
N VAL B 249 5.40 -18.48 -32.68
CA VAL B 249 5.19 -17.03 -32.66
C VAL B 249 4.80 -16.48 -34.02
N ARG B 250 5.02 -17.24 -35.10
CA ARG B 250 4.63 -16.79 -36.43
C ARG B 250 3.16 -16.98 -36.78
N GLU B 251 2.36 -17.66 -35.94
CA GLU B 251 0.95 -17.84 -36.25
C GLU B 251 0.05 -17.56 -35.03
N PRO B 252 -1.22 -17.20 -35.26
CA PRO B 252 -2.05 -16.71 -34.14
C PRO B 252 -2.31 -17.76 -33.07
N GLY B 253 -2.48 -17.27 -31.85
CA GLY B 253 -2.79 -18.16 -30.74
C GLY B 253 -4.26 -18.52 -30.67
N ARG B 254 -4.52 -19.74 -30.24
CA ARG B 254 -5.87 -20.24 -30.04
C ARG B 254 -5.92 -21.02 -28.73
N PHE B 255 -6.89 -20.69 -27.88
CA PHE B 255 -6.92 -21.18 -26.51
C PHE B 255 -8.33 -21.67 -26.17
N GLY B 256 -8.42 -22.37 -25.05
CA GLY B 256 -9.70 -22.87 -24.60
C GLY B 256 -9.69 -23.26 -23.14
N VAL B 257 -10.77 -22.94 -22.43
CA VAL B 257 -10.89 -23.28 -21.02
C VAL B 257 -12.30 -23.80 -20.73
N VAL B 258 -12.39 -24.68 -19.74
CA VAL B 258 -13.66 -25.14 -19.19
C VAL B 258 -13.58 -24.96 -17.68
N TYR B 259 -14.44 -24.08 -17.14
CA TYR B 259 -14.48 -23.76 -15.72
C TYR B 259 -15.75 -24.32 -15.10
N PRO B 260 -15.69 -24.80 -13.86
CA PRO B 260 -16.92 -25.16 -13.15
C PRO B 260 -17.57 -23.91 -12.56
N ILE B 261 -18.89 -23.87 -12.63
CA ILE B 261 -19.67 -22.79 -12.03
C ILE B 261 -20.81 -23.41 -11.21
N GLU B 262 -21.56 -22.55 -10.53
CA GLU B 262 -22.62 -23.02 -9.65
C GLU B 262 -23.73 -23.71 -10.45
N GLY B 263 -24.45 -24.60 -9.77
CA GLY B 263 -25.52 -25.32 -10.42
C GLY B 263 -25.11 -26.54 -11.20
N GLY B 264 -23.91 -27.06 -10.96
CA GLY B 264 -23.47 -28.24 -11.68
C GLY B 264 -23.29 -28.05 -13.16
N ARG B 265 -22.68 -26.94 -13.58
CA ARG B 265 -22.52 -26.60 -14.99
C ARG B 265 -21.08 -26.29 -15.33
N TRP B 266 -20.69 -26.61 -16.56
CA TRP B 266 -19.39 -26.26 -17.11
C TRP B 266 -19.50 -25.03 -18.00
N LEU B 267 -18.62 -24.06 -17.78
CA LEU B 267 -18.53 -22.89 -18.65
C LEU B 267 -17.32 -23.04 -19.56
N ALA B 268 -17.57 -23.14 -20.86
CA ALA B 268 -16.52 -23.36 -21.85
C ALA B 268 -16.36 -22.10 -22.69
N THR B 269 -15.19 -21.48 -22.62
CA THR B 269 -14.87 -20.26 -23.36
C THR B 269 -13.71 -20.56 -24.29
N LEU B 270 -13.93 -20.38 -25.60
CA LEU B 270 -12.92 -20.57 -26.62
C LEU B 270 -12.41 -19.21 -27.09
N SER B 271 -11.11 -19.13 -27.38
CA SER B 271 -10.51 -17.83 -27.69
C SER B 271 -9.43 -17.98 -28.75
N CYS B 272 -9.17 -16.87 -29.44
CA CYS B 272 -8.17 -16.81 -30.51
C CYS B 272 -7.77 -15.35 -30.68
N THR B 273 -6.58 -15.15 -31.25
CA THR B 273 -6.10 -13.82 -31.59
C THR B 273 -6.39 -13.50 -33.07
N ARG B 274 -6.05 -12.28 -33.47
CA ARG B 274 -6.31 -11.83 -34.83
C ARG B 274 -5.58 -12.69 -35.85
N GLY B 275 -6.31 -13.12 -36.88
CA GLY B 275 -5.81 -14.00 -37.91
C GLY B 275 -6.46 -15.36 -37.89
N ALA B 276 -6.81 -15.86 -36.72
CA ALA B 276 -7.51 -17.11 -36.58
C ALA B 276 -9.02 -16.88 -36.62
N GLN B 277 -9.77 -17.97 -36.78
CA GLN B 277 -11.21 -17.93 -36.92
C GLN B 277 -11.85 -18.68 -35.76
N LEU B 278 -12.71 -18.00 -35.03
CA LEU B 278 -13.46 -18.61 -33.94
C LEU B 278 -14.67 -19.36 -34.47
N PRO B 279 -15.19 -20.32 -33.70
CA PRO B 279 -16.54 -20.81 -34.02
C PRO B 279 -17.54 -19.69 -33.86
N THR B 280 -18.13 -19.25 -34.97
CA THR B 280 -19.30 -18.37 -34.94
C THR B 280 -20.58 -19.13 -35.27
N HIS B 281 -20.48 -20.44 -35.51
CA HIS B 281 -21.63 -21.32 -35.64
C HIS B 281 -21.47 -22.47 -34.65
N GLU B 282 -22.60 -23.01 -34.18
CA GLU B 282 -22.60 -23.97 -33.09
C GLU B 282 -21.92 -25.30 -33.43
N ASP B 283 -21.96 -25.74 -34.69
CA ASP B 283 -21.35 -27.02 -35.08
C ASP B 283 -19.86 -26.91 -35.35
N GLU B 284 -19.28 -25.71 -35.18
CA GLU B 284 -17.85 -25.54 -35.23
C GLU B 284 -17.21 -25.41 -33.85
N PHE B 285 -18.00 -25.52 -32.78
CA PHE B 285 -17.46 -25.21 -31.45
C PHE B 285 -16.43 -26.24 -30.99
N ILE B 286 -16.84 -27.51 -30.92
CA ILE B 286 -15.95 -28.57 -30.46
C ILE B 286 -14.85 -28.85 -31.48
N PRO B 287 -15.10 -28.76 -32.80
CA PRO B 287 -13.97 -28.85 -33.74
C PRO B 287 -12.84 -27.88 -33.43
N PHE B 288 -13.17 -26.69 -32.92
CA PHE B 288 -12.13 -25.78 -32.45
C PHE B 288 -11.37 -26.38 -31.27
N ALA B 289 -12.08 -27.07 -30.38
CA ALA B 289 -11.44 -27.67 -29.21
C ALA B 289 -10.59 -28.89 -29.55
N GLU B 290 -10.93 -29.61 -30.63
CA GLU B 290 -10.13 -30.78 -31.01
C GLU B 290 -8.87 -30.40 -31.78
N ASN B 291 -8.79 -29.15 -32.28
CA ASN B 291 -7.62 -28.68 -32.99
C ASN B 291 -6.70 -27.88 -32.09
N LEU B 292 -6.95 -27.87 -30.78
CA LEU B 292 -5.96 -27.35 -29.85
C LEU B 292 -4.81 -28.34 -29.73
N ASN B 293 -3.76 -27.92 -29.01
CA ASN B 293 -2.56 -28.75 -28.93
C ASN B 293 -2.82 -30.09 -28.25
N HIS B 294 -3.91 -30.20 -27.48
CA HIS B 294 -4.35 -31.47 -26.93
C HIS B 294 -5.87 -31.44 -26.98
N PRO B 295 -6.52 -32.51 -27.45
CA PRO B 295 -7.97 -32.47 -27.67
C PRO B 295 -8.80 -32.78 -26.44
N ILE B 296 -8.24 -32.62 -25.24
CA ILE B 296 -8.94 -33.11 -24.05
C ILE B 296 -10.22 -32.34 -23.79
N LEU B 297 -10.28 -31.05 -24.17
CA LEU B 297 -11.49 -30.29 -23.88
C LEU B 297 -12.64 -30.74 -24.78
N ALA B 298 -12.34 -31.17 -26.01
CA ALA B 298 -13.37 -31.75 -26.87
C ALA B 298 -13.87 -33.08 -26.30
N ASP B 299 -12.95 -33.93 -25.82
CA ASP B 299 -13.35 -35.21 -25.26
C ASP B 299 -14.21 -35.02 -24.02
N LEU B 300 -13.99 -33.93 -23.27
CA LEU B 300 -14.84 -33.64 -22.13
C LEU B 300 -16.24 -33.19 -22.55
N LEU B 301 -16.36 -32.49 -23.68
CA LEU B 301 -17.58 -31.82 -24.08
C LEU B 301 -18.42 -32.54 -25.13
N ARG B 302 -18.08 -33.76 -25.51
CA ARG B 302 -18.81 -34.42 -26.58
C ARG B 302 -20.12 -35.02 -26.08
N ASP B 303 -20.15 -35.52 -24.83
CA ASP B 303 -21.34 -36.08 -24.23
C ASP B 303 -22.04 -35.08 -23.33
N ALA B 304 -21.54 -33.84 -23.28
CA ALA B 304 -22.12 -32.83 -22.41
C ALA B 304 -23.34 -32.21 -23.08
N GLU B 305 -24.36 -31.92 -22.28
CA GLU B 305 -25.61 -31.33 -22.74
C GLU B 305 -25.46 -29.82 -22.91
N PRO B 306 -25.61 -29.29 -24.13
CA PRO B 306 -25.55 -27.83 -24.31
C PRO B 306 -26.78 -27.10 -23.78
N LEU B 307 -26.53 -26.07 -22.99
CA LEU B 307 -27.60 -25.27 -22.42
C LEU B 307 -27.77 -23.90 -23.07
N THR B 308 -26.80 -23.47 -23.88
CA THR B 308 -26.82 -22.15 -24.48
C THR B 308 -26.42 -22.23 -25.93
N PRO B 309 -26.71 -21.19 -26.73
CA PRO B 309 -26.00 -21.04 -28.00
C PRO B 309 -24.59 -20.55 -27.70
N VAL B 310 -23.84 -20.16 -28.72
CA VAL B 310 -22.50 -19.63 -28.50
C VAL B 310 -22.62 -18.13 -28.36
N PHE B 311 -22.12 -17.60 -27.25
CA PHE B 311 -22.09 -16.16 -27.04
C PHE B 311 -20.74 -15.63 -27.51
N GLY B 312 -20.77 -14.46 -28.15
CA GLY B 312 -19.58 -13.91 -28.77
C GLY B 312 -19.17 -12.61 -28.14
N SER B 313 -17.86 -12.35 -28.18
CA SER B 313 -17.30 -11.08 -27.74
C SER B 313 -16.03 -10.84 -28.52
N ARG B 314 -15.82 -9.59 -28.91
CA ARG B 314 -14.58 -9.18 -29.55
C ARG B 314 -13.86 -8.12 -28.71
N SER B 315 -14.18 -8.07 -27.41
CA SER B 315 -13.58 -7.12 -26.48
C SER B 315 -12.32 -7.72 -25.88
N GLY B 316 -11.25 -7.70 -26.67
CA GLY B 316 -10.00 -8.32 -26.25
C GLY B 316 -8.75 -7.49 -26.34
N ALA B 317 -8.89 -6.17 -26.48
CA ALA B 317 -7.74 -5.27 -26.60
C ALA B 317 -7.29 -4.77 -25.23
N ASN B 318 -6.01 -4.41 -25.14
CA ASN B 318 -5.45 -3.76 -23.98
C ASN B 318 -5.39 -2.26 -24.24
N ARG B 319 -6.02 -1.47 -23.37
CA ARG B 319 -6.13 -0.03 -23.57
C ARG B 319 -5.95 0.66 -22.22
N ARG B 320 -5.24 1.79 -22.21
CA ARG B 320 -5.03 2.52 -20.95
C ARG B 320 -5.03 4.02 -21.24
N LEU B 321 -5.93 4.74 -20.57
CA LEU B 321 -5.91 6.19 -20.56
C LEU B 321 -5.00 6.68 -19.45
N TYR B 322 -4.42 7.88 -19.63
CA TYR B 322 -3.51 8.47 -18.66
C TYR B 322 -4.02 9.85 -18.24
N PRO B 323 -5.13 9.92 -17.49
CA PRO B 323 -5.57 11.23 -16.98
C PRO B 323 -4.59 11.82 -15.99
N GLU B 324 -3.79 10.99 -15.32
CA GLU B 324 -2.79 11.48 -14.38
C GLU B 324 -1.67 12.26 -15.08
N ARG B 325 -1.59 12.22 -16.41
CA ARG B 325 -0.58 12.96 -17.14
C ARG B 325 -1.11 14.27 -17.72
N LEU B 326 -2.43 14.45 -17.81
CA LEU B 326 -3.02 15.63 -18.40
C LEU B 326 -3.13 16.72 -17.36
N GLU B 327 -2.45 17.84 -17.60
CA GLU B 327 -2.54 18.97 -16.68
C GLU B 327 -3.97 19.50 -16.54
N GLN B 328 -4.67 19.62 -17.67
CA GLN B 328 -6.01 20.21 -17.70
C GLN B 328 -7.13 19.24 -17.33
N TRP B 329 -6.83 18.24 -16.51
CA TRP B 329 -7.87 17.32 -16.06
C TRP B 329 -8.85 18.06 -15.15
N PRO B 330 -10.15 17.99 -15.42
CA PRO B 330 -11.11 18.80 -14.64
C PRO B 330 -11.21 18.32 -13.20
N ASP B 331 -11.33 19.27 -12.29
CA ASP B 331 -11.54 18.94 -10.89
C ASP B 331 -12.91 18.30 -10.69
N GLY B 332 -12.99 17.43 -9.67
CA GLY B 332 -14.24 16.78 -9.33
C GLY B 332 -14.64 15.65 -10.22
N LEU B 333 -13.74 15.13 -11.06
CA LEU B 333 -14.04 14.02 -11.94
C LEU B 333 -12.98 12.94 -11.79
N LEU B 334 -13.42 11.70 -11.64
CA LEU B 334 -12.54 10.55 -11.67
C LEU B 334 -13.11 9.47 -12.58
N VAL B 335 -12.21 8.64 -13.10
CA VAL B 335 -12.58 7.54 -13.99
C VAL B 335 -11.90 6.28 -13.49
N ILE B 336 -12.65 5.18 -13.45
CA ILE B 336 -12.20 3.91 -12.89
C ILE B 336 -12.68 2.78 -13.79
N GLY B 337 -12.21 1.57 -13.48
CA GLY B 337 -12.68 0.38 -14.16
C GLY B 337 -12.21 0.28 -15.60
N ASP B 338 -13.01 -0.43 -16.41
CA ASP B 338 -12.65 -0.65 -17.80
C ASP B 338 -12.55 0.65 -18.59
N SER B 339 -13.27 1.68 -18.16
CA SER B 339 -13.22 2.96 -18.87
C SER B 339 -11.82 3.58 -18.77
N LEU B 340 -11.24 3.55 -17.56
CA LEU B 340 -9.88 4.04 -17.39
C LEU B 340 -8.88 3.16 -18.13
N THR B 341 -8.99 1.85 -17.93
CA THR B 341 -8.07 0.91 -18.58
C THR B 341 -8.74 -0.44 -18.66
N ALA B 342 -8.53 -1.12 -19.79
CA ALA B 342 -9.06 -2.46 -20.02
C ALA B 342 -7.95 -3.35 -20.57
N PHE B 343 -8.11 -4.66 -20.38
CA PHE B 343 -7.05 -5.61 -20.66
C PHE B 343 -7.61 -6.77 -21.45
N ASN B 344 -6.70 -7.64 -21.88
CA ASN B 344 -7.06 -8.91 -22.51
C ASN B 344 -7.72 -9.81 -21.48
N PRO B 345 -8.99 -10.18 -21.66
CA PRO B 345 -9.68 -11.05 -20.68
C PRO B 345 -8.99 -12.36 -20.36
N ILE B 346 -8.10 -12.84 -21.24
CA ILE B 346 -7.48 -14.15 -21.05
C ILE B 346 -6.74 -14.22 -19.72
N TYR B 347 -6.22 -13.10 -19.24
CA TYR B 347 -5.48 -13.07 -17.98
C TYR B 347 -6.35 -12.73 -16.78
N GLY B 348 -7.59 -12.30 -17.00
CA GLY B 348 -8.61 -12.26 -15.96
C GLY B 348 -8.37 -11.31 -14.80
N HIS B 349 -8.00 -10.07 -15.09
CA HIS B 349 -7.67 -9.11 -14.05
C HIS B 349 -8.65 -7.93 -13.96
N GLY B 350 -9.66 -7.89 -14.85
CA GLY B 350 -10.51 -6.71 -14.92
C GLY B 350 -11.22 -6.40 -13.62
N MET B 351 -11.83 -7.42 -13.00
CA MET B 351 -12.55 -7.20 -11.75
C MET B 351 -11.60 -6.88 -10.61
N SER B 352 -10.40 -7.47 -10.62
CA SER B 352 -9.42 -7.14 -9.59
C SER B 352 -8.94 -5.71 -9.74
N SER B 353 -8.82 -5.22 -10.99
CA SER B 353 -8.47 -3.82 -11.21
C SER B 353 -9.58 -2.90 -10.73
N ALA B 354 -10.84 -3.29 -10.94
CA ALA B 354 -11.95 -2.50 -10.41
C ALA B 354 -11.89 -2.45 -8.90
N ALA B 355 -11.58 -3.58 -8.25
CA ALA B 355 -11.44 -3.58 -6.79
C ALA B 355 -10.26 -2.73 -6.35
N ARG B 356 -9.18 -2.69 -7.13
CA ARG B 356 -8.03 -1.87 -6.78
C ARG B 356 -8.38 -0.38 -6.78
N CYS B 357 -9.17 0.06 -7.77
CA CYS B 357 -9.53 1.47 -7.84
C CYS B 357 -10.36 1.87 -6.63
N ALA B 358 -11.33 1.03 -6.24
CA ALA B 358 -12.16 1.32 -5.09
C ALA B 358 -11.35 1.28 -3.80
N THR B 359 -10.49 0.28 -3.64
CA THR B 359 -9.65 0.23 -2.45
C THR B 359 -8.75 1.46 -2.38
N THR B 360 -8.21 1.87 -3.53
CA THR B 360 -7.34 3.05 -3.57
C THR B 360 -8.11 4.31 -3.21
N ILE B 361 -9.35 4.44 -3.68
CA ILE B 361 -10.16 5.58 -3.28
C ILE B 361 -10.38 5.56 -1.77
N ASP B 362 -10.71 4.39 -1.23
CA ASP B 362 -10.93 4.27 0.22
C ASP B 362 -9.68 4.65 1.01
N ARG B 363 -8.51 4.20 0.54
CA ARG B 363 -7.28 4.39 1.29
C ARG B 363 -6.76 5.83 1.18
N GLU B 364 -7.11 6.54 0.12
CA GLU B 364 -6.53 7.84 -0.14
C GLU B 364 -7.51 9.00 0.00
N PHE B 365 -8.81 8.73 0.18
CA PHE B 365 -9.81 9.79 0.10
C PHE B 365 -9.57 10.89 1.14
N GLU B 366 -9.51 10.51 2.42
CA GLU B 366 -9.39 11.51 3.48
C GLU B 366 -8.09 12.28 3.35
N ARG B 367 -7.00 11.58 3.02
CA ARG B 367 -5.72 12.25 2.82
C ARG B 367 -5.77 13.21 1.64
N SER B 368 -6.60 12.92 0.64
CA SER B 368 -6.60 13.71 -0.59
C SER B 368 -7.42 14.99 -0.47
N VAL B 369 -8.56 14.95 0.23
CA VAL B 369 -9.24 16.18 0.64
C VAL B 369 -8.40 16.90 1.69
N GLN B 370 -9.06 17.47 2.70
CA GLN B 370 -8.40 18.31 3.71
C GLN B 370 -7.44 19.32 3.06
N ARG B 377 -8.85 21.81 -7.25
CA ARG B 377 -8.75 20.91 -6.09
C ARG B 377 -7.59 19.93 -6.30
N ALA B 378 -6.64 19.93 -5.36
CA ALA B 378 -5.55 18.97 -5.39
C ALA B 378 -6.00 17.55 -5.07
N GLY B 379 -7.20 17.37 -4.52
CA GLY B 379 -7.64 16.05 -4.11
C GLY B 379 -8.04 15.15 -5.27
N THR B 380 -8.85 15.66 -6.20
CA THR B 380 -9.30 14.83 -7.31
C THR B 380 -8.12 14.31 -8.12
N ARG B 381 -7.14 15.16 -8.42
CA ARG B 381 -6.02 14.67 -9.21
C ARG B 381 -5.12 13.77 -8.38
N ALA B 382 -4.99 14.03 -7.08
CA ALA B 382 -4.26 13.12 -6.21
C ALA B 382 -4.92 11.75 -6.20
N LEU B 383 -6.25 11.70 -6.14
CA LEU B 383 -6.96 10.44 -6.20
C LEU B 383 -6.77 9.77 -7.56
N GLN B 384 -6.84 10.54 -8.65
CA GLN B 384 -6.70 9.95 -9.98
C GLN B 384 -5.28 9.43 -10.21
N LYS B 385 -4.27 10.12 -9.68
CA LYS B 385 -2.91 9.62 -9.80
C LYS B 385 -2.71 8.34 -9.00
N ALA B 386 -3.31 8.27 -7.80
CA ALA B 386 -3.23 7.06 -7.01
C ALA B 386 -3.96 5.90 -7.70
N ILE B 387 -5.10 6.18 -8.32
CA ILE B 387 -5.83 5.14 -9.04
C ILE B 387 -5.01 4.66 -10.24
N GLY B 388 -4.38 5.58 -10.96
CA GLY B 388 -3.59 5.20 -12.12
C GLY B 388 -2.39 4.34 -11.76
N ALA B 389 -1.78 4.59 -10.59
CA ALA B 389 -0.66 3.77 -10.17
C ALA B 389 -1.11 2.37 -9.78
N ALA B 390 -2.34 2.23 -9.27
CA ALA B 390 -2.83 0.93 -8.85
C ALA B 390 -3.17 0.01 -10.02
N VAL B 391 -3.44 0.57 -11.20
CA VAL B 391 -3.84 -0.25 -12.34
C VAL B 391 -2.66 -0.59 -13.24
N ASP B 392 -1.44 -0.31 -12.78
CA ASP B 392 -0.28 -0.56 -13.65
C ASP B 392 0.02 -2.04 -13.77
N ASP B 393 -0.12 -2.80 -12.68
CA ASP B 393 0.20 -4.22 -12.72
C ASP B 393 -0.59 -4.98 -13.79
N PRO B 394 -1.92 -4.88 -13.85
CA PRO B 394 -2.64 -5.63 -14.90
C PRO B 394 -2.38 -5.09 -16.29
N TRP B 395 -2.06 -3.80 -16.44
CA TRP B 395 -1.76 -3.26 -17.75
C TRP B 395 -0.46 -3.82 -18.30
N ILE B 396 0.62 -3.73 -17.53
CA ILE B 396 1.93 -4.15 -18.05
C ILE B 396 2.00 -5.67 -18.18
N LEU B 397 1.20 -6.40 -17.40
CA LEU B 397 1.16 -7.86 -17.55
C LEU B 397 0.51 -8.24 -18.88
N ALA B 398 -0.70 -7.72 -19.13
CA ALA B 398 -1.41 -8.09 -20.34
C ALA B 398 -0.72 -7.58 -21.60
N ALA B 399 -0.17 -6.36 -21.54
CA ALA B 399 0.47 -5.78 -22.72
C ALA B 399 1.77 -6.48 -23.05
N THR B 400 2.54 -6.90 -22.05
CA THR B 400 3.80 -7.60 -22.31
C THR B 400 3.54 -8.92 -23.03
N LYS B 401 2.45 -9.61 -22.67
CA LYS B 401 2.14 -10.92 -23.26
C LYS B 401 1.52 -10.79 -24.64
N ASP B 402 0.84 -9.68 -24.94
CA ASP B 402 0.12 -9.54 -26.20
C ASP B 402 0.91 -8.80 -27.28
N ILE B 403 1.97 -8.07 -26.92
CA ILE B 403 2.59 -7.16 -27.87
C ILE B 403 3.28 -7.90 -29.01
N ASP B 404 3.72 -9.14 -28.77
CA ASP B 404 4.53 -9.87 -29.74
C ASP B 404 3.72 -10.85 -30.57
N TYR B 405 2.40 -10.84 -30.44
CA TYR B 405 1.57 -11.69 -31.29
C TYR B 405 1.60 -11.19 -32.73
N VAL B 406 1.49 -12.13 -33.67
CA VAL B 406 1.56 -11.77 -35.08
C VAL B 406 0.33 -10.92 -35.44
N ASN B 407 0.58 -9.85 -36.21
CA ASN B 407 -0.45 -8.91 -36.62
C ASN B 407 -1.09 -8.19 -35.43
N CYS B 408 -0.32 -7.96 -34.37
CA CYS B 408 -0.80 -7.16 -33.25
C CYS B 408 -0.63 -5.67 -33.55
N ARG B 409 -1.66 -4.89 -33.21
CA ARG B 409 -1.67 -3.45 -33.48
C ARG B 409 -1.31 -2.69 -32.21
N VAL B 410 -0.20 -1.95 -32.27
CA VAL B 410 0.38 -1.29 -31.11
C VAL B 410 0.38 0.21 -31.35
N SER B 411 -0.05 0.97 -30.34
CA SER B 411 -0.01 2.44 -30.36
C SER B 411 0.21 2.88 -28.92
N ALA B 412 1.47 2.84 -28.48
CA ALA B 412 1.81 3.07 -27.09
C ALA B 412 3.16 3.78 -26.98
N THR B 413 3.33 4.49 -25.86
CA THR B 413 4.57 5.16 -25.55
C THR B 413 5.31 4.51 -24.38
N ASP B 414 4.75 3.44 -23.79
CA ASP B 414 5.31 2.79 -22.61
C ASP B 414 6.71 2.26 -22.92
N PRO B 415 7.75 2.84 -22.30
CA PRO B 415 9.12 2.39 -22.63
C PRO B 415 9.40 0.95 -22.23
N ARG B 416 8.64 0.39 -21.29
CA ARG B 416 8.76 -1.03 -20.97
C ARG B 416 8.35 -1.91 -22.14
N LEU B 417 7.64 -1.37 -23.12
CA LEU B 417 7.19 -2.09 -24.29
C LEU B 417 7.98 -1.72 -25.54
N ILE B 418 8.24 -0.43 -25.76
CA ILE B 418 8.79 0.02 -27.03
C ILE B 418 10.29 -0.19 -27.15
N GLY B 419 11.04 -0.09 -26.07
CA GLY B 419 12.48 -0.07 -26.12
C GLY B 419 13.10 -1.42 -25.75
N VAL B 420 12.37 -2.49 -26.09
CA VAL B 420 12.72 -3.86 -25.71
C VAL B 420 13.03 -4.63 -26.99
N ASP B 421 14.15 -5.35 -26.99
CA ASP B 421 14.34 -6.32 -28.05
C ASP B 421 13.36 -7.45 -27.86
N THR B 422 12.80 -7.92 -28.96
CA THR B 422 11.68 -8.83 -28.90
C THR B 422 12.14 -10.26 -28.75
N GLU B 423 13.31 -10.60 -29.30
CA GLU B 423 13.94 -11.88 -28.94
C GLU B 423 14.14 -12.00 -27.43
N GLN B 424 14.64 -10.95 -26.77
CA GLN B 424 14.89 -11.04 -25.33
C GLN B 424 13.58 -11.20 -24.56
N ARG B 425 12.53 -10.51 -24.98
CA ARG B 425 11.22 -10.68 -24.36
C ARG B 425 10.63 -12.06 -24.66
N LEU B 426 10.81 -12.54 -25.90
CA LEU B 426 10.30 -13.85 -26.26
C LEU B 426 11.03 -14.96 -25.52
N ARG B 427 12.37 -14.94 -25.55
CA ARG B 427 13.15 -15.97 -24.87
C ARG B 427 12.82 -16.03 -23.38
N PHE B 428 12.71 -14.87 -22.73
CA PHE B 428 12.49 -14.86 -21.29
C PHE B 428 11.09 -15.37 -20.94
N ALA B 429 10.08 -15.02 -21.74
CA ALA B 429 8.74 -15.53 -21.50
C ALA B 429 8.73 -17.05 -21.57
N GLU B 430 9.50 -17.63 -22.51
CA GLU B 430 9.60 -19.08 -22.59
C GLU B 430 10.26 -19.68 -21.36
N ALA B 431 11.31 -19.01 -20.85
CA ALA B 431 12.00 -19.53 -19.67
C ALA B 431 11.14 -19.41 -18.42
N ILE B 432 10.39 -18.31 -18.30
CA ILE B 432 9.48 -18.15 -17.18
C ILE B 432 8.43 -19.26 -17.19
N THR B 433 7.86 -19.54 -18.37
CA THR B 433 6.84 -20.58 -18.46
C THR B 433 7.43 -21.96 -18.19
N ALA B 434 8.57 -22.27 -18.80
CA ALA B 434 9.20 -23.58 -18.62
C ALA B 434 9.56 -23.82 -17.16
N ALA B 435 9.95 -22.77 -16.43
CA ALA B 435 10.25 -22.93 -15.02
C ALA B 435 8.99 -23.10 -14.18
N SER B 436 7.93 -22.36 -14.53
CA SER B 436 6.73 -22.37 -13.70
C SER B 436 6.04 -23.73 -13.72
N ILE B 437 6.11 -24.45 -14.84
CA ILE B 437 5.36 -25.69 -14.96
C ILE B 437 6.06 -26.87 -14.26
N ARG B 438 7.35 -26.76 -13.96
CA ARG B 438 8.09 -27.89 -13.43
C ARG B 438 8.99 -27.58 -12.23
N SER B 439 9.00 -26.35 -11.74
CA SER B 439 9.79 -25.99 -10.57
C SER B 439 8.88 -25.39 -9.51
N PRO B 440 8.79 -25.97 -8.31
CA PRO B 440 7.85 -25.44 -7.30
C PRO B 440 8.11 -23.99 -6.92
N LYS B 441 9.38 -23.67 -6.63
CA LYS B 441 9.77 -22.30 -6.21
C LYS B 441 9.42 -21.30 -7.32
N ALA B 442 9.71 -21.64 -8.58
CA ALA B 442 9.40 -20.76 -9.70
C ALA B 442 7.90 -20.64 -9.89
N SER B 443 7.18 -21.74 -9.67
CA SER B 443 5.73 -21.71 -9.82
C SER B 443 5.09 -20.79 -8.79
N GLU B 444 5.60 -20.79 -7.56
CA GLU B 444 5.02 -19.96 -6.51
C GLU B 444 5.08 -18.48 -6.87
N ILE B 445 6.23 -18.03 -7.38
CA ILE B 445 6.36 -16.62 -7.72
C ILE B 445 5.52 -16.30 -8.96
N VAL B 446 5.47 -17.22 -9.92
CA VAL B 446 4.71 -16.96 -11.14
C VAL B 446 3.23 -16.84 -10.82
N THR B 447 2.70 -17.70 -9.95
CA THR B 447 1.29 -17.59 -9.57
C THR B 447 1.03 -16.30 -8.81
N ASP B 448 2.02 -15.79 -8.09
CA ASP B 448 1.88 -14.49 -7.44
C ASP B 448 1.67 -13.39 -8.47
N VAL B 449 2.48 -13.40 -9.53
CA VAL B 449 2.30 -12.44 -10.62
C VAL B 449 1.00 -12.72 -11.36
N MET B 450 0.69 -14.00 -11.58
CA MET B 450 -0.50 -14.38 -12.35
C MET B 450 -1.78 -13.97 -11.64
N SER B 451 -1.81 -14.07 -10.31
CA SER B 451 -2.96 -13.67 -9.50
C SER B 451 -2.99 -12.18 -9.21
N LEU B 452 -2.08 -11.40 -9.81
CA LEU B 452 -2.01 -9.95 -9.62
C LEU B 452 -1.64 -9.57 -8.19
N ASN B 453 -0.84 -10.39 -7.52
CA ASN B 453 -0.37 -10.06 -6.17
C ASN B 453 1.10 -9.70 -6.14
N ALA B 454 1.77 -9.69 -7.29
CA ALA B 454 3.14 -9.25 -7.41
C ALA B 454 3.28 -8.65 -8.80
N PRO B 455 4.05 -7.58 -8.96
CA PRO B 455 4.18 -6.95 -10.28
C PRO B 455 4.89 -7.86 -11.27
N GLN B 456 4.58 -7.63 -12.55
CA GLN B 456 5.24 -8.36 -13.62
C GLN B 456 6.77 -8.23 -13.54
N ALA B 457 7.26 -7.10 -13.05
CA ALA B 457 8.71 -6.89 -12.98
C ALA B 457 9.38 -7.87 -12.03
N GLU B 458 8.63 -8.49 -11.13
CA GLU B 458 9.21 -9.48 -10.22
C GLU B 458 9.82 -10.64 -10.97
N LEU B 459 9.33 -10.93 -12.18
CA LEU B 459 9.87 -12.03 -12.96
C LEU B 459 11.25 -11.73 -13.52
N GLY B 460 11.70 -10.48 -13.48
CA GLY B 460 13.06 -10.11 -13.79
C GLY B 460 13.93 -9.85 -12.58
N SER B 461 13.43 -10.12 -11.38
CA SER B 461 14.17 -9.84 -10.16
C SER B 461 15.27 -10.88 -9.94
N ASN B 462 16.29 -10.48 -9.17
CA ASN B 462 17.31 -11.41 -8.72
C ASN B 462 16.70 -12.57 -7.96
N ARG B 463 15.62 -12.33 -7.21
CA ARG B 463 14.96 -13.38 -6.45
C ARG B 463 14.39 -14.45 -7.37
N PHE B 464 13.73 -14.04 -8.46
CA PHE B 464 13.15 -15.02 -9.37
C PHE B 464 14.21 -15.74 -10.19
N LEU B 465 15.24 -15.02 -10.64
CA LEU B 465 16.29 -15.66 -11.42
C LEU B 465 17.04 -16.69 -10.58
N MET B 466 17.29 -16.38 -9.31
CA MET B 466 17.93 -17.36 -8.43
C MET B 466 17.03 -18.57 -8.22
N ALA B 467 15.72 -18.36 -8.12
CA ALA B 467 14.81 -19.49 -7.98
C ALA B 467 14.84 -20.38 -9.22
N MET B 468 14.96 -19.78 -10.40
CA MET B 468 14.95 -20.57 -11.63
C MET B 468 16.20 -21.45 -11.74
N ARG B 469 17.36 -20.91 -11.35
CA ARG B 469 18.60 -21.67 -11.42
C ARG B 469 18.74 -22.67 -10.27
N ALA B 470 18.36 -22.26 -9.06
CA ALA B 470 18.67 -23.10 -7.90
C ALA B 470 17.67 -24.24 -7.71
N ASP B 471 16.41 -24.02 -8.05
CA ASP B 471 15.37 -25.01 -7.77
C ASP B 471 15.48 -26.21 -8.69
N GLU B 472 14.97 -27.35 -8.22
CA GLU B 472 14.85 -28.54 -9.04
C GLU B 472 13.81 -28.31 -10.13
N ARG B 473 13.92 -29.11 -11.18
CA ARG B 473 12.90 -29.18 -12.22
C ARG B 473 12.44 -30.62 -12.34
N LEU B 474 11.15 -30.86 -12.13
CA LEU B 474 10.61 -32.20 -12.21
C LEU B 474 10.60 -32.67 -13.66
N PRO B 475 10.52 -33.98 -13.89
CA PRO B 475 10.45 -34.48 -15.26
C PRO B 475 9.21 -33.95 -15.98
N GLU B 476 9.29 -33.93 -17.31
CA GLU B 476 8.19 -33.45 -18.12
C GLU B 476 7.01 -34.41 -18.06
N LEU B 477 5.82 -33.86 -17.85
CA LEU B 477 4.61 -34.66 -17.93
C LEU B 477 4.30 -34.94 -19.40
N THR B 478 4.11 -36.22 -19.74
CA THR B 478 3.81 -36.63 -21.10
C THR B 478 2.32 -36.87 -21.31
N ALA B 479 1.51 -36.57 -20.32
CA ALA B 479 0.06 -36.73 -20.39
C ALA B 479 -0.56 -35.72 -19.43
N PRO B 480 -1.82 -35.34 -19.65
CA PRO B 480 -2.49 -34.44 -18.71
C PRO B 480 -2.47 -35.02 -17.31
N PRO B 481 -2.05 -34.24 -16.31
CA PRO B 481 -1.91 -34.79 -14.95
C PRO B 481 -3.25 -34.91 -14.23
N PHE B 482 -4.13 -35.74 -14.79
CA PHE B 482 -5.37 -36.09 -14.11
C PHE B 482 -5.12 -37.20 -13.11
N LEU B 483 -5.75 -37.09 -11.96
CA LEU B 483 -5.73 -38.23 -11.06
C LEU B 483 -6.77 -39.26 -11.54
N PRO B 484 -6.53 -40.55 -11.28
CA PRO B 484 -7.44 -41.57 -11.83
C PRO B 484 -8.88 -41.40 -11.41
N GLU B 485 -9.11 -40.91 -10.18
CA GLU B 485 -10.45 -40.66 -9.68
C GLU B 485 -11.10 -39.44 -10.32
N GLU B 486 -10.31 -38.53 -10.91
CA GLU B 486 -10.88 -37.42 -11.65
C GLU B 486 -11.35 -37.84 -13.04
N LEU B 487 -10.58 -38.67 -13.72
CA LEU B 487 -11.03 -39.22 -15.00
C LEU B 487 -12.30 -40.03 -14.81
N ALA B 488 -12.43 -40.73 -13.68
CA ALA B 488 -13.60 -41.57 -13.47
C ALA B 488 -14.88 -40.77 -13.26
N VAL B 489 -14.80 -39.57 -12.66
CA VAL B 489 -16.04 -38.82 -12.45
C VAL B 489 -16.59 -38.31 -13.76
N VAL B 490 -15.72 -37.97 -14.72
CA VAL B 490 -16.18 -37.54 -16.04
C VAL B 490 -16.24 -38.69 -17.03
N GLY B 491 -15.86 -39.90 -16.61
CA GLY B 491 -16.03 -41.08 -17.45
C GLY B 491 -15.06 -41.22 -18.61
N LEU B 492 -13.78 -40.96 -18.40
CA LEU B 492 -12.75 -41.14 -19.43
C LEU B 492 -11.64 -42.07 -18.92
N ASP B 493 -10.62 -42.25 -19.76
CA ASP B 493 -9.51 -43.16 -19.47
C ASP B 493 -8.29 -42.66 -20.24
N ALA B 494 -7.16 -42.59 -19.56
CA ALA B 494 -5.89 -42.20 -20.16
C ALA B 494 -6.02 -40.85 -20.87
#